data_1TQU
#
_entry.id   1TQU
#
_cell.length_a   68.298
_cell.length_b   108.957
_cell.length_c   137.723
_cell.angle_alpha   90.00
_cell.angle_beta   90.00
_cell.angle_gamma   90.00
#
_symmetry.space_group_name_H-M   'P 21 21 21'
#
loop_
_entity.id
_entity.type
_entity.pdbx_description
1 polymer 'Alpha-mannosidase II'
2 non-polymer 2-acetamido-2-deoxy-beta-D-glucopyranose
3 non-polymer 'ZINC ION'
4 non-polymer "1'-((1,4-DIDEOXY-1,4-IMINO-D-ARABINITOL)-4-N-AMMONIUM)-1'-DEOXY-L-ERYTHRITOL-3'-SULFATE INNER SALT"
5 non-polymer (4R)-2-METHYLPENTANE-2,4-DIOL
6 water water
#
_entity_poly.entity_id   1
_entity_poly.type   'polypeptide(L)'
_entity_poly.pdbx_seq_one_letter_code
;RSSHHHHHHGEFDDPIRPPLKVARSPRPGQCQDVVQDVPNVDVQMLELYDRMSFKDIDGGVWKQGWNIKYDPLKYNAHHK
LKVFVVPHSHNDPGWIQTFEEYYQHDTKHILSNALRHLHDNPEMKFIWAEISYFARFYHDLGENKKLQMKSIVKNGQLEF
VTGGWVMPDEANSHWRNVLLQLTEGQTWLKQFMNVTPTASWAIDPFGHSPTMPYILQKSGFKNMLIQRTHYSVKKELAQQ
RQLEFLWRQIWDNKGDTALFTHMMPFYSYDIPHTCGPDPKVCCQFDFKRMGSFGLSCPWKVPPRTISDQNVAARSDLLVD
QWKKKAELYRTNVLLIPLGDDFRFKQNTEWDVQRVNYERLFEHINSQAHFNVQAQFGTLQEYFDAVHQAERAGQAEFPTL
SGDFFTYADRSDNYWSGYYTSRPYHKRMDRVLMHYVRAAEMLSAWHSWDGMARIEERLEQARRELSLFQHHDGITGTAKT
HVVVDYEQRMQEALKACQMVMQQSVYRLLTKPSIYSPDFSFSYFTLDDSRWPGSGVEDSRTTIILGEDILPSKHVVMHNT
LPHWREQLVDFYVSSPFVSVTDLANNPVEAQVSPVWSWHHDTLTKTIHPQGSTTKYRIIFKARVPPMGLATYVLTISDSK
PEHTSYASNLLLRKNPTSLPLGQYPEDVKFGDPREISLRVGNGPTLAFSEQGLLKSIQLTQDSPHVPVHFKFLKYGVRSH
GDRSGAYLFLPNGPASPVELGQPVVLVTKGKLESSVSVGLPSVVHQTIMRGGAPEIRNLVDIGSLDNTEIVMRLETHIDS
GDIFYTDLNGLQFIKRRRLDKLPLQANYYPIPSGMFIEDANTRLTLLTGQPLGGSSLASGELEIMQDRRLASDDERGLGQ
GVLDNKPVLHIYRLVLEKVNNCVRPSKLHPAGYLTSAAHKASQSLLDPLDKFIFAENEWIGAQGQFGGDHPSAREDLDVS
VMRRLTKSSAKTQRVGYVLHRTNLMQCGTPEEHTQKLDVCHLLPNVARCERTTLTFLQNLEHLDGMVAPEVCPMETAAYV
SSHSS
;
_entity_poly.pdbx_strand_id   A
#
loop_
_chem_comp.id
_chem_comp.type
_chem_comp.name
_chem_comp.formula
GHA non-polymer '1'-((1,4-DIDEOXY-1,4-IMINO-D-ARABINITOL)-4-N-AMMONIUM)-1'-DEOXY-L-ERYTHRITOL-3'-SULFATE INNER SALT' 'C9 H18 N O9 S -3'
MRD non-polymer (4R)-2-METHYLPENTANE-2,4-DIOL 'C6 H14 O2'
NAG D-saccharide, beta linking 2-acetamido-2-deoxy-beta-D-glucopyranose 'C8 H15 N O6'
ZN non-polymer 'ZINC ION' 'Zn 2'
#
# COMPACT_ATOMS: atom_id res chain seq x y z
N CYS A 31 24.25 6.32 -13.79
CA CYS A 31 22.76 6.34 -13.55
C CYS A 31 21.93 6.64 -14.79
N GLN A 32 20.92 5.82 -15.06
CA GLN A 32 20.00 6.04 -16.19
C GLN A 32 19.28 7.35 -15.96
N ASP A 33 18.89 7.96 -17.05
CA ASP A 33 18.17 9.22 -16.94
C ASP A 33 16.73 8.72 -16.97
N VAL A 34 15.92 9.06 -15.98
CA VAL A 34 14.56 8.49 -15.94
C VAL A 34 13.53 9.49 -16.44
N VAL A 35 14.02 10.62 -16.92
CA VAL A 35 13.15 11.64 -17.39
C VAL A 35 13.12 11.82 -18.91
N GLN A 36 14.29 11.88 -19.50
CA GLN A 36 14.47 12.24 -20.91
C GLN A 36 14.55 11.23 -22.00
N ASP A 37 14.62 9.96 -21.67
CA ASP A 37 14.71 8.96 -22.73
C ASP A 37 13.43 8.12 -22.62
N VAL A 38 12.60 8.10 -23.63
CA VAL A 38 11.41 7.31 -23.56
C VAL A 38 11.81 5.84 -23.83
N PRO A 39 11.52 4.91 -22.91
CA PRO A 39 11.92 3.53 -23.23
C PRO A 39 11.21 3.03 -24.48
N ASN A 40 11.93 2.22 -25.26
CA ASN A 40 11.30 1.65 -26.45
C ASN A 40 10.86 0.22 -26.06
N VAL A 41 9.56 -0.01 -25.97
CA VAL A 41 9.12 -1.35 -25.57
C VAL A 41 8.13 -1.88 -26.57
N ASP A 42 7.98 -3.18 -26.64
CA ASP A 42 7.02 -3.70 -27.55
C ASP A 42 5.61 -3.39 -27.16
N VAL A 43 5.30 -3.40 -25.86
CA VAL A 43 3.94 -3.09 -25.43
C VAL A 43 4.05 -2.02 -24.35
N GLN A 44 3.40 -0.89 -24.56
CA GLN A 44 3.42 0.19 -23.53
C GLN A 44 1.93 0.32 -23.20
N MET A 45 1.57 0.02 -21.96
CA MET A 45 0.17 -0.08 -21.65
C MET A 45 -0.70 1.14 -21.89
N LEU A 46 -0.16 2.33 -21.67
CA LEU A 46 -0.96 3.55 -21.92
C LEU A 46 -1.22 3.68 -23.45
N GLU A 47 -0.20 3.30 -24.25
CA GLU A 47 -0.35 3.36 -25.69
C GLU A 47 -1.34 2.30 -26.12
N LEU A 48 -1.20 1.12 -25.58
CA LEU A 48 -2.10 0.05 -25.92
C LEU A 48 -3.54 0.42 -25.58
N TYR A 49 -3.73 1.04 -24.42
CA TYR A 49 -5.08 1.46 -23.99
C TYR A 49 -5.68 2.51 -24.96
N ASP A 50 -4.82 3.39 -25.42
CA ASP A 50 -5.25 4.48 -26.32
C ASP A 50 -5.78 3.83 -27.64
N ARG A 51 -5.16 2.74 -28.06
CA ARG A 51 -5.53 2.05 -29.29
C ARG A 51 -6.65 1.02 -29.24
N MET A 52 -6.73 0.27 -28.15
N MET A 52 -6.72 0.29 -28.13
CA MET A 52 -7.71 -0.79 -28.01
CA MET A 52 -7.70 -0.78 -27.95
C MET A 52 -9.12 -0.26 -27.97
C MET A 52 -9.13 -0.29 -27.96
N SER A 53 -10.05 -1.08 -28.45
N SER A 53 -10.02 -1.15 -28.45
CA SER A 53 -11.47 -0.70 -28.49
CA SER A 53 -11.45 -0.81 -28.55
C SER A 53 -12.26 -1.19 -27.28
C SER A 53 -12.25 -1.23 -27.33
N PHE A 54 -11.78 -2.24 -26.62
CA PHE A 54 -12.48 -2.74 -25.44
C PHE A 54 -13.90 -3.25 -25.72
N LYS A 55 -14.18 -3.72 -26.93
CA LYS A 55 -15.54 -4.18 -27.18
C LYS A 55 -15.74 -5.48 -26.44
N ASP A 56 -16.88 -5.62 -25.79
CA ASP A 56 -17.16 -6.81 -25.02
C ASP A 56 -18.07 -7.73 -25.89
N ILE A 57 -17.47 -8.49 -26.78
CA ILE A 57 -18.13 -9.37 -27.71
C ILE A 57 -18.11 -10.77 -27.19
N ASP A 58 -19.19 -11.50 -27.46
CA ASP A 58 -19.30 -12.90 -27.11
C ASP A 58 -18.32 -13.68 -28.00
N GLY A 59 -17.22 -14.18 -27.43
CA GLY A 59 -16.25 -14.89 -28.25
C GLY A 59 -16.53 -16.39 -28.37
N GLY A 60 -17.67 -16.86 -27.83
CA GLY A 60 -18.06 -18.27 -27.84
C GLY A 60 -17.76 -18.95 -26.53
N VAL A 61 -17.36 -20.22 -26.54
CA VAL A 61 -17.03 -20.89 -25.29
C VAL A 61 -15.95 -20.04 -24.53
N TRP A 62 -14.99 -19.46 -25.25
CA TRP A 62 -14.08 -18.60 -24.55
C TRP A 62 -14.87 -17.29 -24.67
N LYS A 63 -15.67 -17.00 -23.65
CA LYS A 63 -16.55 -15.85 -23.72
C LYS A 63 -15.91 -14.51 -24.05
N GLN A 64 -14.71 -14.30 -23.56
CA GLN A 64 -14.08 -13.01 -23.80
C GLN A 64 -12.92 -13.08 -24.78
N GLY A 65 -12.85 -14.19 -25.52
CA GLY A 65 -11.78 -14.34 -26.49
C GLY A 65 -12.35 -14.64 -27.87
N TRP A 66 -11.96 -15.76 -28.47
CA TRP A 66 -12.41 -16.17 -29.81
C TRP A 66 -12.17 -17.69 -29.85
N ASN A 67 -12.65 -18.37 -30.91
CA ASN A 67 -12.42 -19.83 -31.02
C ASN A 67 -11.01 -20.06 -31.48
N ILE A 68 -10.18 -20.54 -30.57
CA ILE A 68 -8.78 -20.72 -30.89
C ILE A 68 -8.66 -21.89 -31.84
N LYS A 69 -7.83 -21.74 -32.87
CA LYS A 69 -7.64 -22.88 -33.79
C LYS A 69 -6.16 -23.18 -33.76
N TYR A 70 -5.78 -24.43 -33.98
CA TYR A 70 -4.35 -24.74 -33.99
C TYR A 70 -4.06 -25.72 -35.13
N ASP A 71 -2.80 -25.81 -35.52
CA ASP A 71 -2.41 -26.77 -36.55
C ASP A 71 -2.00 -28.07 -35.88
N PRO A 72 -2.81 -29.16 -36.05
CA PRO A 72 -2.39 -30.39 -35.40
C PRO A 72 -0.95 -30.80 -35.67
N LEU A 73 -0.39 -30.38 -36.80
CA LEU A 73 0.99 -30.77 -37.11
C LEU A 73 2.04 -29.91 -36.43
N LYS A 74 1.64 -28.91 -35.64
CA LYS A 74 2.64 -28.09 -34.98
C LYS A 74 3.53 -28.94 -34.05
N TYR A 75 2.91 -29.84 -33.32
CA TYR A 75 3.63 -30.67 -32.40
C TYR A 75 3.86 -32.05 -33.06
N ASN A 76 5.04 -32.63 -32.89
CA ASN A 76 5.32 -33.93 -33.49
C ASN A 76 6.40 -34.59 -32.67
N ALA A 77 6.81 -35.76 -33.10
CA ALA A 77 7.82 -36.53 -32.39
C ALA A 77 9.06 -35.71 -32.01
N HIS A 78 9.44 -34.75 -32.83
CA HIS A 78 10.64 -33.96 -32.54
C HIS A 78 10.37 -32.67 -31.84
N HIS A 79 9.09 -32.39 -31.66
CA HIS A 79 8.73 -31.16 -31.01
C HIS A 79 7.43 -31.40 -30.28
N LYS A 80 7.52 -31.86 -29.06
CA LYS A 80 6.34 -32.14 -28.28
C LYS A 80 5.95 -30.91 -27.44
N LEU A 81 4.70 -30.89 -27.02
CA LEU A 81 4.13 -29.91 -26.12
C LEU A 81 4.36 -30.52 -24.72
N LYS A 82 5.18 -29.84 -23.93
CA LYS A 82 5.47 -30.29 -22.57
C LYS A 82 4.46 -29.58 -21.70
N VAL A 83 3.67 -30.35 -20.95
CA VAL A 83 2.61 -29.76 -20.14
C VAL A 83 2.91 -29.97 -18.67
N PHE A 84 2.88 -28.87 -17.92
CA PHE A 84 3.07 -28.96 -16.46
C PHE A 84 1.77 -28.64 -15.75
N VAL A 85 1.21 -29.63 -15.08
CA VAL A 85 -0.01 -29.41 -14.30
C VAL A 85 0.47 -29.06 -12.91
N VAL A 86 0.12 -27.85 -12.49
CA VAL A 86 0.59 -27.38 -11.22
C VAL A 86 -0.49 -27.26 -10.15
N PRO A 87 -0.50 -28.20 -9.23
CA PRO A 87 -1.51 -28.15 -8.18
C PRO A 87 -1.30 -26.98 -7.22
N HIS A 88 -2.41 -26.35 -6.84
CA HIS A 88 -2.33 -25.18 -5.92
C HIS A 88 -3.60 -25.01 -5.13
N SER A 89 -3.55 -24.17 -4.08
CA SER A 89 -4.74 -23.99 -3.26
C SER A 89 -4.66 -22.54 -2.83
N HIS A 90 -5.65 -21.75 -3.22
CA HIS A 90 -5.65 -20.33 -2.87
C HIS A 90 -6.19 -20.17 -1.43
N ASN A 91 -5.32 -19.75 -0.52
CA ASN A 91 -5.69 -19.60 0.90
C ASN A 91 -5.59 -18.12 1.31
N ASP A 92 -6.74 -17.48 1.37
CA ASP A 92 -6.81 -16.09 1.75
C ASP A 92 -6.62 -15.95 3.28
N PRO A 93 -5.63 -15.17 3.71
CA PRO A 93 -5.33 -14.93 5.13
C PRO A 93 -6.41 -13.97 5.64
N GLY A 94 -7.65 -14.46 5.62
CA GLY A 94 -8.81 -13.69 6.03
C GLY A 94 -9.57 -13.22 4.80
N TRP A 95 -10.90 -13.33 4.85
CA TRP A 95 -11.73 -12.81 3.77
C TRP A 95 -13.17 -12.94 4.28
N ILE A 96 -13.76 -14.12 4.11
CA ILE A 96 -15.09 -14.31 4.67
C ILE A 96 -14.99 -14.99 6.03
N GLN A 97 -13.82 -15.56 6.36
CA GLN A 97 -13.56 -16.00 7.74
C GLN A 97 -12.26 -15.21 8.16
N THR A 98 -11.95 -15.15 9.45
CA THR A 98 -10.70 -14.50 9.84
C THR A 98 -9.54 -15.47 9.52
N PHE A 99 -8.34 -14.94 9.64
CA PHE A 99 -7.15 -15.73 9.43
C PHE A 99 -7.22 -16.99 10.28
N GLU A 100 -7.44 -16.84 11.60
CA GLU A 100 -7.47 -18.02 12.48
C GLU A 100 -8.62 -18.99 12.20
N GLU A 101 -9.81 -18.48 11.90
CA GLU A 101 -10.94 -19.35 11.56
C GLU A 101 -10.60 -20.18 10.28
N TYR A 102 -10.11 -19.53 9.24
CA TYR A 102 -9.72 -20.33 8.07
C TYR A 102 -8.62 -21.33 8.45
N TYR A 103 -7.65 -20.85 9.22
CA TYR A 103 -6.59 -21.79 9.55
C TYR A 103 -7.17 -23.03 10.25
N GLN A 104 -8.06 -22.82 11.22
CA GLN A 104 -8.61 -23.96 11.99
C GLN A 104 -9.52 -24.81 11.17
N HIS A 105 -10.35 -24.16 10.34
CA HIS A 105 -11.35 -24.92 9.57
C HIS A 105 -10.86 -25.53 8.29
N ASP A 106 -9.87 -24.90 7.66
CA ASP A 106 -9.41 -25.35 6.37
C ASP A 106 -7.96 -25.54 6.15
N THR A 107 -7.21 -24.44 6.32
CA THR A 107 -5.80 -24.44 6.00
C THR A 107 -4.91 -25.44 6.73
N LYS A 108 -5.13 -25.61 8.02
CA LYS A 108 -4.25 -26.58 8.67
C LYS A 108 -4.57 -27.98 8.11
N HIS A 109 -5.78 -28.21 7.66
CA HIS A 109 -6.13 -29.54 7.09
C HIS A 109 -5.48 -29.68 5.73
N ILE A 110 -5.55 -28.60 4.97
CA ILE A 110 -4.94 -28.59 3.65
C ILE A 110 -3.43 -28.84 3.80
N LEU A 111 -2.77 -28.17 4.75
CA LEU A 111 -1.34 -28.40 4.86
C LEU A 111 -1.01 -29.77 5.46
N SER A 112 -1.81 -30.22 6.43
CA SER A 112 -1.56 -31.52 7.02
C SER A 112 -1.71 -32.60 5.94
N ASN A 113 -2.76 -32.50 5.13
CA ASN A 113 -2.98 -33.45 4.06
C ASN A 113 -1.97 -33.31 2.90
N ALA A 114 -1.50 -32.09 2.62
CA ALA A 114 -0.46 -31.95 1.58
C ALA A 114 0.79 -32.67 2.11
N LEU A 115 1.10 -32.49 3.40
CA LEU A 115 2.33 -33.14 3.91
C LEU A 115 2.22 -34.68 3.70
N ARG A 116 1.10 -35.21 4.13
CA ARG A 116 0.93 -36.64 4.01
C ARG A 116 0.87 -37.14 2.55
N HIS A 117 0.05 -36.49 1.72
CA HIS A 117 -0.06 -36.96 0.33
CA HIS A 117 -0.06 -37.00 0.34
C HIS A 117 1.21 -36.81 -0.48
C HIS A 117 1.25 -36.85 -0.42
N LEU A 118 1.95 -35.72 -0.28
CA LEU A 118 3.21 -35.55 -1.00
C LEU A 118 4.21 -36.52 -0.42
N HIS A 119 4.24 -36.66 0.89
CA HIS A 119 5.21 -37.61 1.43
C HIS A 119 5.00 -38.99 0.77
N ASP A 120 3.73 -39.42 0.70
CA ASP A 120 3.36 -40.73 0.19
C ASP A 120 3.32 -40.96 -1.31
N ASN A 121 3.34 -39.89 -2.09
CA ASN A 121 3.25 -39.98 -3.55
C ASN A 121 4.36 -39.09 -4.07
N PRO A 122 5.58 -39.64 -4.21
CA PRO A 122 6.74 -38.87 -4.66
C PRO A 122 6.60 -38.05 -5.92
N GLU A 123 5.69 -38.46 -6.80
CA GLU A 123 5.54 -37.71 -8.05
C GLU A 123 4.57 -36.52 -7.96
N MET A 124 3.74 -36.48 -6.94
CA MET A 124 2.78 -35.38 -6.76
C MET A 124 3.53 -34.09 -6.38
N LYS A 125 3.02 -32.96 -6.83
CA LYS A 125 3.64 -31.65 -6.60
C LYS A 125 2.60 -30.68 -6.05
N PHE A 126 3.04 -29.57 -5.45
CA PHE A 126 2.09 -28.61 -4.90
C PHE A 126 2.84 -27.30 -4.69
N ILE A 127 2.21 -26.15 -4.95
CA ILE A 127 2.87 -24.87 -4.71
C ILE A 127 2.11 -24.17 -3.60
N TRP A 128 2.85 -23.39 -2.80
CA TRP A 128 2.25 -22.70 -1.67
C TRP A 128 2.70 -21.23 -1.70
N ALA A 129 1.74 -20.34 -1.55
CA ALA A 129 2.05 -18.89 -1.64
C ALA A 129 2.11 -18.13 -0.31
N GLU A 130 1.11 -18.36 0.53
CA GLU A 130 0.97 -17.55 1.74
C GLU A 130 1.72 -18.07 2.94
N ILE A 131 2.84 -17.44 3.22
CA ILE A 131 3.66 -17.93 4.31
C ILE A 131 3.05 -17.65 5.70
N SER A 132 2.21 -16.64 5.85
CA SER A 132 1.59 -16.41 7.16
C SER A 132 0.93 -17.74 7.63
N TYR A 133 0.16 -18.37 6.75
CA TYR A 133 -0.47 -19.64 7.09
C TYR A 133 0.59 -20.74 7.26
N PHE A 134 1.59 -20.75 6.39
CA PHE A 134 2.55 -21.84 6.49
C PHE A 134 3.35 -21.82 7.80
N ALA A 135 3.76 -20.61 8.20
CA ALA A 135 4.52 -20.43 9.42
C ALA A 135 3.61 -20.86 10.64
N ARG A 136 2.33 -20.49 10.61
CA ARG A 136 1.37 -20.82 11.64
C ARG A 136 1.30 -22.35 11.78
N PHE A 137 1.25 -23.03 10.64
CA PHE A 137 1.18 -24.50 10.60
C PHE A 137 2.48 -25.18 11.06
N TYR A 138 3.56 -24.79 10.44
CA TYR A 138 4.85 -25.36 10.73
C TYR A 138 5.23 -25.24 12.18
N HIS A 139 4.97 -24.08 12.77
CA HIS A 139 5.34 -23.94 14.15
C HIS A 139 4.61 -24.91 15.06
N ASP A 140 3.38 -25.26 14.69
CA ASP A 140 2.58 -26.22 15.45
C ASP A 140 2.90 -27.72 15.17
N LEU A 141 3.72 -28.00 14.18
CA LEU A 141 4.07 -29.38 13.82
C LEU A 141 5.05 -30.01 14.76
N GLY A 142 4.90 -31.30 15.03
CA GLY A 142 5.91 -31.94 15.87
C GLY A 142 7.18 -32.09 15.02
N GLU A 143 8.31 -32.34 15.69
CA GLU A 143 9.58 -32.44 15.03
C GLU A 143 9.62 -33.48 13.93
N ASN A 144 8.98 -34.62 14.13
CA ASN A 144 9.03 -35.63 13.08
C ASN A 144 8.41 -35.06 11.78
N LYS A 145 7.25 -34.43 11.90
CA LYS A 145 6.54 -33.83 10.75
C LYS A 145 7.31 -32.65 10.16
N LYS A 146 7.99 -31.86 10.99
CA LYS A 146 8.77 -30.73 10.46
CA LYS A 146 8.79 -30.72 10.50
C LYS A 146 9.84 -31.28 9.55
N LEU A 147 10.47 -32.37 9.97
CA LEU A 147 11.52 -33.00 9.16
C LEU A 147 10.92 -33.53 7.86
N GLN A 148 9.75 -34.13 7.94
CA GLN A 148 9.12 -34.63 6.73
C GLN A 148 8.80 -33.49 5.76
N MET A 149 8.32 -32.40 6.32
CA MET A 149 7.99 -31.23 5.53
C MET A 149 9.24 -30.65 4.85
N LYS A 150 10.33 -30.54 5.61
CA LYS A 150 11.57 -29.98 5.05
C LYS A 150 12.02 -30.86 3.92
N SER A 151 11.78 -32.15 4.06
CA SER A 151 12.18 -33.09 3.04
C SER A 151 11.41 -32.96 1.72
N ILE A 152 10.08 -32.80 1.79
CA ILE A 152 9.34 -32.68 0.56
C ILE A 152 9.58 -31.28 -0.01
N VAL A 153 10.09 -30.32 0.78
CA VAL A 153 10.40 -29.02 0.14
C VAL A 153 11.79 -29.18 -0.52
N LYS A 154 12.72 -29.73 0.25
CA LYS A 154 14.08 -29.90 -0.23
C LYS A 154 14.11 -30.71 -1.54
N ASN A 155 13.29 -31.77 -1.62
N ASN A 155 13.30 -31.74 -1.63
CA ASN A 155 13.22 -32.63 -2.83
CA ASN A 155 13.34 -32.53 -2.83
C ASN A 155 12.37 -32.06 -3.98
C ASN A 155 12.36 -32.08 -3.96
N GLY A 156 11.85 -30.86 -3.86
CA GLY A 156 11.05 -30.28 -4.95
C GLY A 156 9.59 -30.55 -5.12
N GLN A 157 8.97 -31.38 -4.25
CA GLN A 157 7.56 -31.69 -4.35
C GLN A 157 6.65 -30.53 -3.86
N LEU A 158 7.02 -29.88 -2.76
CA LEU A 158 6.23 -28.75 -2.26
C LEU A 158 7.09 -27.52 -2.57
N GLU A 159 6.55 -26.57 -3.33
CA GLU A 159 7.36 -25.42 -3.70
C GLU A 159 6.68 -24.14 -3.33
N PHE A 160 7.42 -23.26 -2.69
CA PHE A 160 6.87 -21.97 -2.32
C PHE A 160 7.01 -21.03 -3.47
N VAL A 161 5.93 -20.30 -3.74
CA VAL A 161 5.91 -19.33 -4.85
C VAL A 161 5.71 -17.99 -4.15
N THR A 162 6.53 -17.02 -4.58
CA THR A 162 6.61 -15.69 -4.01
C THR A 162 7.19 -15.81 -2.58
N GLY A 163 6.51 -16.50 -1.68
CA GLY A 163 7.05 -16.64 -0.32
C GLY A 163 6.83 -15.39 0.55
N GLY A 164 5.86 -14.55 0.19
CA GLY A 164 5.52 -13.41 1.03
C GLY A 164 4.58 -13.86 2.17
N TRP A 165 4.49 -13.05 3.22
CA TRP A 165 3.57 -13.36 4.34
C TRP A 165 2.16 -13.55 3.74
N VAL A 166 1.85 -12.76 2.70
CA VAL A 166 0.54 -12.85 2.01
C VAL A 166 0.79 -12.72 0.50
N MET A 167 -0.29 -12.61 -0.28
CA MET A 167 -0.21 -12.36 -1.76
C MET A 167 -0.87 -10.97 -1.63
N PRO A 168 -0.05 -9.92 -1.59
CA PRO A 168 -0.69 -8.64 -1.40
C PRO A 168 -1.53 -8.00 -2.46
N ASP A 169 -2.33 -7.06 -1.96
CA ASP A 169 -3.07 -6.19 -2.85
C ASP A 169 -1.96 -5.41 -3.54
N GLU A 170 -2.19 -5.04 -4.81
CA GLU A 170 -1.14 -4.28 -5.52
C GLU A 170 -1.59 -2.85 -5.82
N ALA A 171 -2.84 -2.53 -5.48
CA ALA A 171 -3.34 -1.18 -5.78
C ALA A 171 -3.16 -0.18 -4.63
N ASN A 172 -3.58 -0.57 -3.43
CA ASN A 172 -3.54 0.35 -2.28
C ASN A 172 -2.27 0.24 -1.45
N SER A 173 -1.58 -0.85 -1.64
CA SER A 173 -0.43 -1.10 -0.78
C SER A 173 0.72 -0.20 -1.06
N HIS A 174 1.39 0.21 0.00
CA HIS A 174 2.60 1.03 -0.22
C HIS A 174 3.77 0.07 -0.53
N TRP A 175 4.65 0.42 -1.46
CA TRP A 175 5.74 -0.49 -1.80
C TRP A 175 6.53 -0.84 -0.56
N ARG A 176 6.61 0.09 0.40
CA ARG A 176 7.36 -0.24 1.57
C ARG A 176 6.73 -1.44 2.31
N ASN A 177 5.43 -1.50 2.36
CA ASN A 177 4.75 -2.62 3.04
C ASN A 177 4.76 -3.88 2.20
N VAL A 178 4.78 -3.69 0.89
CA VAL A 178 4.87 -4.87 0.02
C VAL A 178 6.23 -5.54 0.30
N LEU A 179 7.28 -4.73 0.45
CA LEU A 179 8.62 -5.23 0.71
C LEU A 179 8.62 -5.84 2.10
N LEU A 180 7.99 -5.14 3.05
CA LEU A 180 7.98 -5.68 4.41
C LEU A 180 7.41 -7.12 4.46
N GLN A 181 6.24 -7.31 3.85
CA GLN A 181 5.59 -8.60 3.96
C GLN A 181 6.36 -9.65 3.16
N LEU A 182 6.99 -9.25 2.04
CA LEU A 182 7.77 -10.19 1.24
C LEU A 182 8.94 -10.67 2.12
N THR A 183 9.56 -9.72 2.80
CA THR A 183 10.69 -10.02 3.64
C THR A 183 10.28 -10.89 4.83
N GLU A 184 9.15 -10.54 5.39
CA GLU A 184 8.71 -11.30 6.55
C GLU A 184 8.53 -12.80 6.14
N GLY A 185 7.86 -13.04 5.06
CA GLY A 185 7.67 -14.43 4.65
C GLY A 185 8.98 -15.10 4.19
N GLN A 186 9.76 -14.37 3.41
CA GLN A 186 11.01 -14.97 2.92
C GLN A 186 12.09 -15.16 4.01
N THR A 187 12.11 -14.30 5.01
CA THR A 187 13.10 -14.49 6.07
C THR A 187 12.70 -15.78 6.81
N TRP A 188 11.41 -15.97 7.01
CA TRP A 188 10.90 -17.16 7.69
C TRP A 188 11.26 -18.40 6.84
N LEU A 189 11.03 -18.35 5.52
CA LEU A 189 11.34 -19.48 4.68
C LEU A 189 12.83 -19.81 4.68
N LYS A 190 13.66 -18.77 4.63
CA LYS A 190 15.11 -19.04 4.61
C LYS A 190 15.54 -19.74 5.90
N GLN A 191 15.10 -19.21 7.01
CA GLN A 191 15.45 -19.78 8.27
C GLN A 191 14.93 -21.19 8.48
N PHE A 192 13.64 -21.43 8.25
CA PHE A 192 13.13 -22.74 8.51
C PHE A 192 13.07 -23.78 7.41
N MET A 193 12.95 -23.35 6.16
N MET A 193 12.98 -23.33 6.17
CA MET A 193 12.84 -24.26 5.02
CA MET A 193 12.84 -24.24 5.04
C MET A 193 14.11 -24.19 4.18
C MET A 193 14.08 -24.17 4.17
N ASN A 194 14.98 -23.24 4.51
CA ASN A 194 16.22 -23.11 3.75
C ASN A 194 15.98 -22.88 2.23
N VAL A 195 14.96 -22.12 1.86
CA VAL A 195 14.69 -21.83 0.45
C VAL A 195 14.26 -20.39 0.32
N THR A 196 14.55 -19.82 -0.84
CA THR A 196 14.18 -18.47 -1.22
C THR A 196 13.56 -18.53 -2.63
N PRO A 197 12.23 -18.42 -2.72
CA PRO A 197 11.52 -18.47 -4.01
C PRO A 197 12.05 -17.46 -4.98
N THR A 198 12.13 -17.83 -6.26
CA THR A 198 12.59 -16.84 -7.21
C THR A 198 11.50 -16.73 -8.26
N ALA A 199 10.40 -17.46 -8.04
CA ALA A 199 9.25 -17.30 -8.90
C ALA A 199 8.05 -16.78 -8.07
N SER A 200 7.33 -15.79 -8.61
CA SER A 200 6.17 -15.22 -7.90
C SER A 200 4.85 -15.65 -8.51
N TRP A 201 3.88 -15.82 -7.66
CA TRP A 201 2.55 -16.27 -8.05
C TRP A 201 1.49 -15.31 -7.46
N ALA A 202 0.82 -14.56 -8.31
CA ALA A 202 -0.20 -13.61 -7.83
C ALA A 202 -1.47 -13.80 -8.66
N ILE A 203 -2.36 -14.67 -8.20
CA ILE A 203 -3.53 -15.02 -8.99
C ILE A 203 -4.81 -14.31 -8.63
N ASP A 204 -4.82 -13.61 -7.48
CA ASP A 204 -6.07 -12.96 -7.03
C ASP A 204 -6.08 -11.44 -6.78
N PRO A 205 -4.90 -10.75 -6.70
CA PRO A 205 -5.01 -9.26 -6.48
C PRO A 205 -5.87 -8.74 -7.63
N PHE A 206 -6.64 -7.67 -7.40
CA PHE A 206 -7.59 -7.17 -8.40
C PHE A 206 -6.91 -6.12 -9.32
N GLY A 207 -6.13 -6.59 -10.30
CA GLY A 207 -5.36 -5.70 -11.13
C GLY A 207 -3.94 -5.86 -10.58
N HIS A 208 -2.95 -5.48 -11.37
CA HIS A 208 -1.52 -5.69 -11.02
C HIS A 208 -0.66 -4.47 -11.25
N SER A 209 0.32 -4.32 -10.38
CA SER A 209 1.19 -3.17 -10.43
C SER A 209 2.64 -3.52 -10.80
N PRO A 210 3.32 -2.63 -11.59
CA PRO A 210 4.73 -2.86 -11.97
C PRO A 210 5.59 -2.70 -10.72
N THR A 211 5.00 -2.18 -9.63
CA THR A 211 5.77 -2.17 -8.39
C THR A 211 6.22 -3.60 -7.97
N MET A 212 5.46 -4.63 -8.31
CA MET A 212 5.81 -6.00 -7.91
C MET A 212 7.10 -6.45 -8.65
N PRO A 213 7.13 -6.43 -9.98
CA PRO A 213 8.41 -6.85 -10.57
C PRO A 213 9.56 -5.95 -10.09
N TYR A 214 9.26 -4.68 -9.84
CA TYR A 214 10.36 -3.79 -9.38
C TYR A 214 11.04 -4.35 -8.09
N ILE A 215 10.22 -4.64 -7.09
CA ILE A 215 10.70 -5.18 -5.83
C ILE A 215 11.20 -6.63 -5.99
N LEU A 216 10.47 -7.44 -6.72
CA LEU A 216 10.85 -8.84 -6.90
C LEU A 216 12.20 -8.97 -7.62
N GLN A 217 12.42 -8.15 -8.65
CA GLN A 217 13.65 -8.27 -9.41
C GLN A 217 14.82 -7.83 -8.56
N LYS A 218 14.57 -6.97 -7.58
CA LYS A 218 15.63 -6.51 -6.66
C LYS A 218 15.66 -7.42 -5.43
N SER A 219 14.91 -8.51 -5.48
CA SER A 219 14.88 -9.45 -4.39
C SER A 219 15.22 -10.88 -4.90
N GLY A 220 16.01 -10.93 -5.96
CA GLY A 220 16.46 -12.20 -6.51
C GLY A 220 15.48 -12.92 -7.42
N PHE A 221 14.30 -12.36 -7.69
CA PHE A 221 13.36 -13.12 -8.52
C PHE A 221 13.75 -13.14 -9.95
N LYS A 222 13.32 -14.19 -10.63
CA LYS A 222 13.58 -14.35 -12.04
C LYS A 222 12.33 -14.44 -12.87
N ASN A 223 11.21 -14.71 -12.21
CA ASN A 223 9.96 -14.89 -12.91
C ASN A 223 8.75 -14.54 -12.03
N MET A 224 7.63 -14.21 -12.68
CA MET A 224 6.39 -13.92 -11.95
C MET A 224 5.17 -14.23 -12.83
N LEU A 225 4.02 -14.47 -12.18
CA LEU A 225 2.80 -14.82 -12.88
C LEU A 225 1.70 -13.97 -12.27
N ILE A 226 0.80 -13.46 -13.13
CA ILE A 226 -0.32 -12.60 -12.69
C ILE A 226 -1.55 -13.13 -13.42
N GLN A 227 -2.71 -12.86 -12.86
CA GLN A 227 -3.96 -13.34 -13.41
C GLN A 227 -5.05 -12.28 -13.62
N ARG A 228 -5.34 -11.45 -12.61
CA ARG A 228 -6.46 -10.55 -12.83
C ARG A 228 -6.14 -9.30 -13.57
N THR A 229 -6.29 -9.37 -14.89
CA THR A 229 -6.07 -8.22 -15.74
C THR A 229 -7.33 -8.12 -16.57
N HIS A 230 -7.58 -6.92 -17.09
CA HIS A 230 -8.80 -6.63 -17.87
C HIS A 230 -9.03 -7.67 -18.98
N TYR A 231 -10.25 -8.16 -19.15
CA TYR A 231 -10.49 -9.19 -20.17
C TYR A 231 -10.09 -8.71 -21.57
N SER A 232 -10.22 -7.42 -21.84
CA SER A 232 -9.81 -6.91 -23.15
C SER A 232 -8.30 -6.96 -23.30
N VAL A 233 -7.55 -6.75 -22.21
CA VAL A 233 -6.10 -6.82 -22.27
C VAL A 233 -5.65 -8.29 -22.53
N LYS A 234 -6.31 -9.23 -21.86
CA LYS A 234 -6.01 -10.63 -22.06
C LYS A 234 -6.24 -10.98 -23.54
N LYS A 235 -7.40 -10.58 -24.07
CA LYS A 235 -7.72 -10.87 -25.48
C LYS A 235 -6.69 -10.30 -26.38
N GLU A 236 -6.42 -9.02 -26.20
CA GLU A 236 -5.43 -8.33 -27.02
C GLU A 236 -4.03 -8.95 -26.95
N LEU A 237 -3.50 -9.17 -25.75
CA LEU A 237 -2.17 -9.77 -25.68
C LEU A 237 -2.20 -11.23 -26.17
N ALA A 238 -3.31 -11.92 -25.96
CA ALA A 238 -3.31 -13.32 -26.41
C ALA A 238 -3.17 -13.40 -27.95
N GLN A 239 -3.84 -12.48 -28.64
CA GLN A 239 -3.83 -12.50 -30.09
C GLN A 239 -2.42 -12.26 -30.60
N GLN A 240 -1.60 -11.55 -29.85
CA GLN A 240 -0.25 -11.25 -30.27
C GLN A 240 0.74 -12.16 -29.60
N ARG A 241 0.26 -13.13 -28.83
CA ARG A 241 1.15 -14.03 -28.07
C ARG A 241 2.08 -13.15 -27.24
N GLN A 242 1.47 -12.15 -26.59
CA GLN A 242 2.26 -11.25 -25.71
C GLN A 242 1.83 -11.48 -24.24
N LEU A 243 1.39 -12.70 -23.90
CA LEU A 243 0.96 -12.95 -22.51
C LEU A 243 2.15 -13.19 -21.64
N GLU A 244 3.30 -13.49 -22.28
CA GLU A 244 4.53 -13.65 -21.54
C GLU A 244 5.39 -12.50 -22.04
N PHE A 245 5.97 -11.72 -21.13
CA PHE A 245 6.76 -10.55 -21.50
C PHE A 245 7.79 -10.21 -20.44
N LEU A 246 8.75 -9.40 -20.80
CA LEU A 246 9.79 -8.91 -19.88
C LEU A 246 9.23 -7.57 -19.44
N TRP A 247 8.70 -7.55 -18.22
CA TRP A 247 8.06 -6.39 -17.67
C TRP A 247 9.09 -5.46 -17.03
N ARG A 248 9.28 -4.31 -17.67
CA ARG A 248 10.24 -3.35 -17.09
C ARG A 248 9.47 -2.13 -16.64
N GLN A 249 10.15 -1.29 -15.83
CA GLN A 249 9.54 -0.09 -15.31
C GLN A 249 9.35 0.92 -16.43
N ILE A 250 8.28 1.70 -16.32
CA ILE A 250 7.97 2.68 -17.38
C ILE A 250 9.11 3.65 -17.71
N TRP A 251 9.99 3.93 -16.75
CA TRP A 251 11.10 4.87 -17.06
C TRP A 251 12.45 4.16 -17.39
N ASP A 252 12.46 2.83 -17.39
CA ASP A 252 13.66 2.05 -17.57
C ASP A 252 14.10 1.92 -19.03
N ASN A 253 14.99 2.78 -19.47
CA ASN A 253 15.35 2.70 -20.87
C ASN A 253 16.20 1.52 -21.25
N LYS A 254 17.05 1.11 -20.34
CA LYS A 254 17.97 0.01 -20.61
C LYS A 254 17.34 -1.37 -20.47
N GLY A 255 16.42 -1.51 -19.51
CA GLY A 255 15.80 -2.80 -19.33
C GLY A 255 16.33 -3.63 -18.17
N ASP A 256 17.16 -3.08 -17.31
CA ASP A 256 17.68 -3.88 -16.19
C ASP A 256 16.67 -4.14 -15.10
N THR A 257 15.53 -3.45 -15.10
CA THR A 257 14.51 -3.78 -14.09
C THR A 257 13.58 -4.94 -14.55
N ALA A 258 13.74 -5.38 -15.81
CA ALA A 258 12.91 -6.38 -16.44
C ALA A 258 12.73 -7.67 -15.68
N LEU A 259 11.50 -8.15 -15.60
CA LEU A 259 11.27 -9.43 -14.92
C LEU A 259 10.30 -10.18 -15.84
N PHE A 260 10.68 -11.40 -16.15
CA PHE A 260 9.85 -12.22 -17.03
C PHE A 260 8.51 -12.44 -16.33
N THR A 261 7.41 -12.23 -17.07
CA THR A 261 6.09 -12.31 -16.50
C THR A 261 5.19 -13.15 -17.38
N HIS A 262 4.42 -14.00 -16.73
CA HIS A 262 3.44 -14.82 -17.42
C HIS A 262 2.07 -14.36 -16.96
N MET A 263 1.26 -13.84 -17.89
CA MET A 263 -0.10 -13.45 -17.59
C MET A 263 -0.98 -14.63 -17.99
N MET A 264 -1.85 -15.07 -17.09
CA MET A 264 -2.76 -16.18 -17.41
CA MET A 264 -2.74 -16.19 -17.43
C MET A 264 -3.75 -15.59 -18.41
C MET A 264 -3.72 -15.58 -18.43
N PRO A 265 -4.26 -16.41 -19.33
CA PRO A 265 -5.19 -15.89 -20.36
C PRO A 265 -6.66 -15.72 -20.09
N PHE A 266 -7.15 -16.49 -19.15
CA PHE A 266 -8.55 -16.57 -18.89
C PHE A 266 -9.16 -15.81 -17.71
N TYR A 267 -10.46 -16.04 -17.55
CA TYR A 267 -11.25 -15.24 -16.63
C TYR A 267 -11.02 -15.54 -15.14
N SER A 268 -10.54 -16.73 -14.83
CA SER A 268 -10.32 -17.08 -13.44
C SER A 268 -9.13 -18.01 -13.31
N TYR A 269 -8.62 -18.18 -12.08
CA TYR A 269 -7.55 -19.14 -11.85
C TYR A 269 -8.14 -20.49 -11.48
N ASP A 270 -9.47 -20.63 -11.51
CA ASP A 270 -10.04 -21.91 -11.08
C ASP A 270 -9.85 -22.96 -12.19
N ILE A 271 -10.11 -24.22 -11.90
CA ILE A 271 -9.83 -25.24 -12.90
C ILE A 271 -10.61 -25.03 -14.21
N PRO A 272 -11.90 -24.65 -14.17
CA PRO A 272 -12.64 -24.45 -15.42
C PRO A 272 -11.98 -23.42 -16.34
N HIS A 273 -11.24 -22.47 -15.75
CA HIS A 273 -10.58 -21.44 -16.55
C HIS A 273 -9.07 -21.50 -16.63
N THR A 274 -8.52 -22.67 -16.40
CA THR A 274 -7.08 -22.80 -16.52
C THR A 274 -6.60 -23.98 -17.40
N CYS A 275 -7.49 -24.87 -17.86
CA CYS A 275 -6.99 -25.96 -18.73
C CYS A 275 -7.02 -25.57 -20.20
N GLY A 276 -7.76 -24.51 -20.52
CA GLY A 276 -7.91 -24.10 -21.91
C GLY A 276 -9.11 -23.15 -22.03
N PRO A 277 -9.50 -22.74 -23.26
CA PRO A 277 -10.61 -21.80 -23.52
C PRO A 277 -12.03 -22.10 -23.17
N ASP A 278 -12.35 -23.38 -23.05
CA ASP A 278 -13.74 -23.82 -22.82
C ASP A 278 -13.98 -24.33 -21.41
N PRO A 279 -14.52 -23.48 -20.56
CA PRO A 279 -14.79 -23.88 -19.17
C PRO A 279 -15.69 -25.08 -19.06
N LYS A 280 -16.56 -25.26 -20.04
CA LYS A 280 -17.47 -26.40 -19.96
C LYS A 280 -16.69 -27.71 -20.06
N VAL A 281 -15.58 -27.68 -20.78
CA VAL A 281 -14.73 -28.86 -20.91
C VAL A 281 -13.77 -28.90 -19.72
N CYS A 282 -13.10 -27.79 -19.42
CA CYS A 282 -12.17 -27.80 -18.32
C CYS A 282 -12.84 -28.21 -17.00
N CYS A 283 -14.11 -27.83 -16.82
CA CYS A 283 -14.79 -28.19 -15.60
C CYS A 283 -14.85 -29.71 -15.39
N GLN A 284 -14.88 -30.42 -16.50
CA GLN A 284 -14.95 -31.85 -16.39
C GLN A 284 -13.64 -32.43 -15.90
N PHE A 285 -12.63 -31.60 -15.72
CA PHE A 285 -11.35 -32.12 -15.24
C PHE A 285 -10.99 -31.57 -13.89
N ASP A 286 -12.03 -31.12 -13.18
CA ASP A 286 -11.86 -30.71 -11.79
C ASP A 286 -12.57 -31.90 -11.12
N PHE A 287 -11.81 -32.92 -10.74
CA PHE A 287 -12.42 -34.09 -10.18
C PHE A 287 -13.08 -33.98 -8.84
N LYS A 288 -12.96 -32.82 -8.21
CA LYS A 288 -13.61 -32.58 -6.95
C LYS A 288 -15.09 -32.22 -7.23
N ARG A 289 -15.46 -31.95 -8.47
CA ARG A 289 -16.88 -31.61 -8.67
C ARG A 289 -17.79 -32.80 -8.97
N MET A 290 -17.81 -33.87 -8.17
CA MET A 290 -18.68 -34.97 -8.59
C MET A 290 -19.98 -35.31 -7.80
N GLY A 291 -20.17 -34.63 -6.65
CA GLY A 291 -21.36 -34.81 -5.82
C GLY A 291 -21.04 -34.89 -4.29
N SER A 292 -20.27 -35.91 -3.88
CA SER A 292 -19.93 -36.07 -2.48
C SER A 292 -19.25 -34.88 -1.84
N PHE A 293 -18.58 -34.04 -2.66
CA PHE A 293 -17.89 -32.84 -2.17
C PHE A 293 -18.80 -31.64 -2.21
N GLY A 294 -20.03 -31.83 -2.67
CA GLY A 294 -20.94 -30.69 -2.76
C GLY A 294 -20.56 -29.63 -3.80
N LEU A 295 -19.88 -30.03 -4.86
CA LEU A 295 -19.50 -29.07 -5.89
C LEU A 295 -19.98 -29.65 -7.20
N SER A 296 -20.19 -28.82 -8.21
CA SER A 296 -20.64 -29.36 -9.50
C SER A 296 -20.18 -28.34 -10.52
N CYS A 297 -20.41 -28.65 -11.80
CA CYS A 297 -20.05 -27.80 -12.94
C CYS A 297 -21.23 -26.94 -13.38
N PRO A 298 -21.09 -25.61 -13.31
CA PRO A 298 -22.27 -24.86 -13.74
C PRO A 298 -22.58 -25.00 -15.24
N TRP A 299 -21.64 -25.55 -16.02
CA TRP A 299 -21.90 -25.70 -17.46
C TRP A 299 -22.68 -26.99 -17.69
N LYS A 300 -23.04 -27.70 -16.61
CA LYS A 300 -23.88 -28.89 -16.70
C LYS A 300 -23.31 -30.21 -17.23
N VAL A 301 -21.97 -30.30 -17.41
CA VAL A 301 -21.36 -31.54 -17.81
C VAL A 301 -20.42 -31.75 -16.62
N PRO A 302 -20.64 -32.83 -15.87
CA PRO A 302 -19.80 -33.11 -14.71
C PRO A 302 -18.55 -33.85 -15.04
N PRO A 303 -17.57 -33.80 -14.13
CA PRO A 303 -16.34 -34.55 -14.38
C PRO A 303 -16.79 -36.03 -14.29
N ARG A 304 -16.04 -36.92 -14.93
CA ARG A 304 -16.35 -38.34 -14.88
C ARG A 304 -15.07 -39.04 -14.48
N THR A 305 -15.14 -39.98 -13.55
CA THR A 305 -13.92 -40.72 -13.16
C THR A 305 -13.26 -41.27 -14.40
N ILE A 306 -11.93 -41.19 -14.51
CA ILE A 306 -11.22 -41.65 -15.70
C ILE A 306 -11.07 -43.18 -15.61
N SER A 307 -11.33 -43.89 -16.71
CA SER A 307 -11.21 -45.34 -16.73
C SER A 307 -10.56 -45.70 -18.05
N ASP A 308 -10.20 -46.97 -18.16
CA ASP A 308 -9.62 -47.46 -19.38
C ASP A 308 -10.57 -47.29 -20.54
N GLN A 309 -11.88 -47.33 -20.28
CA GLN A 309 -12.86 -47.16 -21.37
CA GLN A 309 -12.90 -47.17 -21.32
C GLN A 309 -13.08 -45.72 -21.82
C GLN A 309 -13.18 -45.73 -21.76
N ASN A 310 -12.84 -44.74 -20.94
CA ASN A 310 -13.10 -43.35 -21.39
C ASN A 310 -11.88 -42.49 -21.48
N VAL A 311 -10.73 -43.04 -21.11
CA VAL A 311 -9.49 -42.25 -21.08
C VAL A 311 -9.09 -41.69 -22.44
N ALA A 312 -9.34 -42.42 -23.52
CA ALA A 312 -8.94 -41.86 -24.83
C ALA A 312 -9.82 -40.66 -25.19
N ALA A 313 -11.13 -40.79 -24.97
CA ALA A 313 -12.02 -39.67 -25.31
C ALA A 313 -11.82 -38.48 -24.37
N ARG A 314 -11.57 -38.78 -23.11
CA ARG A 314 -11.34 -37.73 -22.13
C ARG A 314 -10.03 -36.99 -22.50
N SER A 315 -9.01 -37.75 -22.89
CA SER A 315 -7.69 -37.21 -23.32
C SER A 315 -7.88 -36.44 -24.61
N ASP A 316 -8.68 -36.98 -25.52
CA ASP A 316 -8.92 -36.23 -26.78
C ASP A 316 -9.38 -34.81 -26.40
N LEU A 317 -10.37 -34.73 -25.51
CA LEU A 317 -10.90 -33.41 -25.11
C LEU A 317 -9.87 -32.53 -24.41
N LEU A 318 -9.22 -33.10 -23.42
CA LEU A 318 -8.25 -32.37 -22.62
C LEU A 318 -7.09 -31.91 -23.46
N VAL A 319 -6.48 -32.83 -24.21
CA VAL A 319 -5.35 -32.40 -25.03
C VAL A 319 -5.76 -31.27 -25.98
N ASP A 320 -6.99 -31.32 -26.46
CA ASP A 320 -7.42 -30.30 -27.43
C ASP A 320 -7.48 -28.92 -26.74
N GLN A 321 -7.94 -28.91 -25.49
CA GLN A 321 -7.95 -27.67 -24.69
C GLN A 321 -6.51 -27.21 -24.48
N TRP A 322 -5.62 -28.15 -24.15
CA TRP A 322 -4.23 -27.78 -23.90
C TRP A 322 -3.58 -27.17 -25.14
N LYS A 323 -3.86 -27.76 -26.29
CA LYS A 323 -3.25 -27.24 -27.52
C LYS A 323 -3.82 -25.89 -27.92
N LYS A 324 -5.06 -25.64 -27.56
CA LYS A 324 -5.66 -24.34 -27.83
C LYS A 324 -4.99 -23.32 -26.91
N LYS A 325 -4.86 -23.67 -25.64
CA LYS A 325 -4.19 -22.74 -24.70
C LYS A 325 -2.76 -22.47 -25.15
N ALA A 326 -2.08 -23.52 -25.61
CA ALA A 326 -0.70 -23.40 -26.09
C ALA A 326 -0.56 -22.42 -27.29
N GLU A 327 -1.61 -22.27 -28.08
CA GLU A 327 -1.51 -21.35 -29.21
C GLU A 327 -1.33 -19.92 -28.74
N LEU A 328 -1.65 -19.66 -27.47
CA LEU A 328 -1.58 -18.30 -26.96
C LEU A 328 -0.21 -17.88 -26.48
N TYR A 329 0.69 -18.85 -26.44
CA TYR A 329 2.06 -18.64 -25.98
C TYR A 329 3.08 -19.04 -27.03
N ARG A 330 4.33 -18.66 -26.80
CA ARG A 330 5.38 -18.86 -27.77
C ARG A 330 6.28 -20.08 -27.67
N THR A 331 6.30 -20.77 -26.53
CA THR A 331 7.17 -21.95 -26.46
C THR A 331 6.34 -23.24 -26.49
N ASN A 332 7.02 -24.38 -26.41
CA ASN A 332 6.33 -25.66 -26.38
C ASN A 332 6.20 -26.15 -24.93
N VAL A 333 6.23 -25.21 -23.97
CA VAL A 333 6.09 -25.53 -22.55
C VAL A 333 4.80 -24.85 -22.08
N LEU A 334 3.85 -25.67 -21.60
CA LEU A 334 2.56 -25.16 -21.20
C LEU A 334 2.27 -25.27 -19.70
N LEU A 335 1.79 -24.18 -19.12
CA LEU A 335 1.45 -24.10 -17.70
C LEU A 335 -0.01 -24.39 -17.55
N ILE A 336 -0.32 -25.39 -16.71
CA ILE A 336 -1.69 -25.74 -16.42
C ILE A 336 -1.94 -25.74 -14.92
N PRO A 337 -2.31 -24.57 -14.34
CA PRO A 337 -2.62 -24.51 -12.91
C PRO A 337 -3.79 -25.47 -12.64
N LEU A 338 -3.73 -26.18 -11.50
CA LEU A 338 -4.79 -27.09 -11.11
C LEU A 338 -5.16 -26.76 -9.65
N GLY A 339 -6.13 -25.88 -9.44
CA GLY A 339 -6.50 -25.53 -8.07
C GLY A 339 -7.60 -24.49 -8.00
N ASP A 340 -7.97 -24.11 -6.76
CA ASP A 340 -9.03 -23.14 -6.55
C ASP A 340 -8.91 -22.77 -5.07
N ASP A 341 -9.92 -22.10 -4.55
CA ASP A 341 -9.85 -21.59 -3.17
C ASP A 341 -9.93 -22.67 -2.16
N PHE A 342 -8.99 -22.62 -1.23
CA PHE A 342 -8.90 -23.59 -0.15
C PHE A 342 -9.09 -25.02 -0.64
N ARG A 343 -8.50 -25.32 -1.79
CA ARG A 343 -8.58 -26.69 -2.29
C ARG A 343 -7.54 -27.61 -1.59
N PHE A 344 -7.64 -28.89 -1.93
CA PHE A 344 -6.75 -29.96 -1.47
C PHE A 344 -6.80 -30.08 0.02
N LYS A 345 -8.02 -30.02 0.52
CA LYS A 345 -8.27 -30.10 1.93
C LYS A 345 -8.47 -31.57 2.37
N GLN A 346 -9.40 -32.28 1.74
CA GLN A 346 -9.64 -33.65 2.15
C GLN A 346 -8.70 -34.64 1.47
N ASN A 347 -8.34 -35.70 2.19
CA ASN A 347 -7.48 -36.71 1.59
C ASN A 347 -8.14 -37.28 0.35
N THR A 348 -9.46 -37.44 0.37
CA THR A 348 -10.15 -38.03 -0.78
C THR A 348 -10.02 -37.08 -1.98
N GLU A 349 -9.94 -35.78 -1.67
CA GLU A 349 -9.76 -34.79 -2.75
C GLU A 349 -8.37 -35.00 -3.38
N TRP A 350 -7.34 -35.10 -2.56
CA TRP A 350 -5.98 -35.34 -3.08
C TRP A 350 -6.01 -36.57 -4.01
N ASP A 351 -6.61 -37.65 -3.53
CA ASP A 351 -6.67 -38.86 -4.35
C ASP A 351 -7.44 -38.70 -5.67
N VAL A 352 -8.63 -38.10 -5.59
CA VAL A 352 -9.44 -38.01 -6.79
C VAL A 352 -8.75 -37.14 -7.87
N GLN A 353 -8.07 -36.07 -7.44
CA GLN A 353 -7.36 -35.24 -8.41
C GLN A 353 -6.11 -35.98 -8.94
N ARG A 354 -5.30 -36.50 -8.03
CA ARG A 354 -4.08 -37.17 -8.40
C ARG A 354 -4.29 -38.42 -9.29
N VAL A 355 -5.17 -39.32 -8.88
CA VAL A 355 -5.36 -40.56 -9.62
C VAL A 355 -5.92 -40.33 -11.00
N ASN A 356 -6.95 -39.50 -11.07
CA ASN A 356 -7.50 -39.28 -12.38
C ASN A 356 -6.49 -38.62 -13.30
N TYR A 357 -5.76 -37.64 -12.78
CA TYR A 357 -4.77 -37.05 -13.67
C TYR A 357 -3.67 -38.04 -14.04
N GLU A 358 -3.26 -38.88 -13.10
CA GLU A 358 -2.21 -39.85 -13.45
C GLU A 358 -2.71 -40.80 -14.57
N ARG A 359 -3.98 -41.18 -14.54
CA ARG A 359 -4.48 -42.05 -15.65
C ARG A 359 -4.42 -41.27 -16.97
N LEU A 360 -4.78 -39.99 -16.92
CA LEU A 360 -4.74 -39.14 -18.11
C LEU A 360 -3.33 -39.01 -18.61
N PHE A 361 -2.38 -38.76 -17.71
CA PHE A 361 -1.00 -38.64 -18.16
C PHE A 361 -0.49 -39.96 -18.75
N GLU A 362 -0.77 -41.08 -18.10
CA GLU A 362 -0.22 -42.35 -18.62
C GLU A 362 -0.73 -42.59 -20.03
N HIS A 363 -2.02 -42.36 -20.28
CA HIS A 363 -2.54 -42.56 -21.63
C HIS A 363 -1.94 -41.51 -22.62
N ILE A 364 -2.03 -40.25 -22.25
CA ILE A 364 -1.55 -39.21 -23.12
C ILE A 364 -0.06 -39.33 -23.49
N ASN A 365 0.81 -39.57 -22.52
CA ASN A 365 2.23 -39.65 -22.83
C ASN A 365 2.61 -40.91 -23.63
N SER A 366 1.72 -41.90 -23.68
CA SER A 366 2.04 -43.14 -24.42
C SER A 366 1.33 -43.12 -25.76
N GLN A 367 0.55 -42.11 -26.04
CA GLN A 367 -0.14 -42.01 -27.32
C GLN A 367 0.66 -41.01 -28.18
N ALA A 368 1.56 -41.54 -28.98
CA ALA A 368 2.40 -40.68 -29.82
C ALA A 368 1.69 -39.60 -30.64
N HIS A 369 0.52 -39.90 -31.19
CA HIS A 369 -0.19 -38.92 -32.00
C HIS A 369 -0.53 -37.61 -31.25
N PHE A 370 -0.52 -37.58 -29.93
CA PHE A 370 -0.80 -36.29 -29.29
C PHE A 370 0.48 -35.45 -29.25
N ASN A 371 1.64 -36.09 -29.33
CA ASN A 371 2.95 -35.44 -29.21
C ASN A 371 2.96 -34.50 -28.01
N VAL A 372 2.52 -35.02 -26.87
CA VAL A 372 2.48 -34.31 -25.58
C VAL A 372 3.18 -35.13 -24.48
N GLN A 373 3.91 -34.45 -23.62
CA GLN A 373 4.50 -35.09 -22.43
C GLN A 373 3.92 -34.24 -21.28
N ALA A 374 3.00 -34.80 -20.48
CA ALA A 374 2.36 -34.05 -19.42
C ALA A 374 2.74 -34.65 -18.10
N GLN A 375 2.83 -33.80 -17.06
CA GLN A 375 3.17 -34.30 -15.74
C GLN A 375 2.83 -33.25 -14.72
N PHE A 376 2.83 -33.63 -13.45
CA PHE A 376 2.63 -32.63 -12.40
C PHE A 376 3.93 -31.84 -12.33
N GLY A 377 3.84 -30.56 -12.04
CA GLY A 377 5.11 -29.83 -11.92
C GLY A 377 4.89 -28.68 -10.94
N THR A 378 5.95 -27.93 -10.67
CA THR A 378 5.86 -26.77 -9.83
C THR A 378 6.00 -25.55 -10.75
N LEU A 379 5.79 -24.39 -10.17
CA LEU A 379 5.89 -23.16 -10.94
C LEU A 379 7.31 -22.96 -11.47
N GLN A 380 8.32 -23.20 -10.61
CA GLN A 380 9.71 -22.98 -11.07
C GLN A 380 10.05 -23.94 -12.25
N GLU A 381 9.52 -25.16 -12.17
CA GLU A 381 9.79 -26.13 -13.24
C GLU A 381 9.25 -25.59 -14.54
N TYR A 382 8.07 -25.00 -14.51
CA TYR A 382 7.51 -24.44 -15.72
C TYR A 382 8.41 -23.37 -16.28
N PHE A 383 8.75 -22.39 -15.43
CA PHE A 383 9.60 -21.31 -15.92
C PHE A 383 10.99 -21.80 -16.38
N ASP A 384 11.60 -22.74 -15.64
CA ASP A 384 12.91 -23.24 -16.07
C ASP A 384 12.79 -23.81 -17.47
N ALA A 385 11.73 -24.58 -17.72
CA ALA A 385 11.61 -25.18 -19.04
C ALA A 385 11.34 -24.09 -20.11
N VAL A 386 10.57 -23.07 -19.73
CA VAL A 386 10.28 -22.01 -20.70
C VAL A 386 11.57 -21.34 -21.15
N HIS A 387 12.41 -21.04 -20.17
CA HIS A 387 13.66 -20.39 -20.48
C HIS A 387 14.67 -21.29 -21.22
N GLN A 388 14.58 -22.61 -21.00
CA GLN A 388 15.43 -23.56 -21.74
C GLN A 388 14.95 -23.46 -23.22
N ALA A 389 13.65 -23.35 -23.47
CA ALA A 389 13.18 -23.22 -24.84
C ALA A 389 13.70 -21.91 -25.48
N GLU A 390 13.60 -20.83 -24.70
CA GLU A 390 14.06 -19.50 -25.10
C GLU A 390 15.53 -19.58 -25.50
N ARG A 391 16.32 -20.15 -24.61
CA ARG A 391 17.73 -20.30 -24.83
C ARG A 391 17.98 -21.23 -26.02
N ALA A 392 17.07 -22.11 -26.37
CA ALA A 392 17.34 -22.95 -27.52
C ALA A 392 16.92 -22.18 -28.78
N GLY A 393 16.60 -20.88 -28.59
CA GLY A 393 16.22 -20.04 -29.72
C GLY A 393 14.84 -20.38 -30.23
N GLN A 394 14.05 -21.00 -29.38
CA GLN A 394 12.71 -21.37 -29.78
C GLN A 394 11.67 -20.22 -29.71
N ALA A 395 11.97 -19.15 -28.99
CA ALA A 395 11.03 -18.04 -28.85
C ALA A 395 11.80 -16.83 -28.34
N GLU A 396 11.26 -15.65 -28.59
CA GLU A 396 11.88 -14.41 -28.10
C GLU A 396 10.70 -13.70 -27.49
N PHE A 397 10.87 -13.08 -26.34
CA PHE A 397 9.71 -12.51 -25.71
C PHE A 397 9.60 -11.00 -25.84
N PRO A 398 8.38 -10.48 -25.99
CA PRO A 398 8.23 -9.02 -26.11
C PRO A 398 8.58 -8.31 -24.77
N THR A 399 8.90 -7.03 -24.85
CA THR A 399 9.17 -6.22 -23.68
C THR A 399 7.83 -5.41 -23.44
N LEU A 400 7.56 -5.11 -22.18
CA LEU A 400 6.35 -4.39 -21.82
C LEU A 400 6.57 -3.45 -20.64
N SER A 401 5.89 -2.30 -20.60
CA SER A 401 5.97 -1.43 -19.40
C SER A 401 4.54 -0.94 -19.25
N GLY A 402 4.18 -0.48 -18.05
CA GLY A 402 2.83 -0.03 -17.77
C GLY A 402 2.26 -0.83 -16.59
N ASP A 403 0.98 -0.62 -16.24
CA ASP A 403 0.35 -1.37 -15.17
C ASP A 403 -0.89 -2.03 -15.71
N PHE A 404 -1.62 -2.67 -14.80
CA PHE A 404 -2.83 -3.39 -15.15
C PHE A 404 -3.97 -3.02 -14.28
N PHE A 405 -4.19 -1.69 -14.23
CA PHE A 405 -5.35 -1.12 -13.55
C PHE A 405 -6.06 -0.28 -14.60
N THR A 406 -7.39 -0.17 -14.53
CA THR A 406 -8.24 -0.76 -13.50
C THR A 406 -8.84 -1.98 -14.14
N TYR A 407 -8.74 -3.06 -13.39
CA TYR A 407 -9.25 -4.34 -13.76
C TYR A 407 -10.79 -4.41 -13.92
N ALA A 408 -11.26 -5.17 -14.92
CA ALA A 408 -12.67 -5.48 -15.09
C ALA A 408 -12.64 -6.96 -15.44
N ASP A 409 -13.40 -7.79 -14.73
CA ASP A 409 -13.43 -9.23 -15.02
C ASP A 409 -14.53 -9.54 -16.08
N ARG A 410 -15.47 -8.62 -16.24
CA ARG A 410 -16.54 -8.78 -17.23
C ARG A 410 -17.30 -7.48 -17.40
N SER A 411 -17.86 -7.37 -18.59
CA SER A 411 -18.66 -6.25 -19.07
C SER A 411 -18.15 -4.93 -18.60
N ASP A 412 -18.94 -4.22 -17.80
CA ASP A 412 -18.51 -2.89 -17.29
C ASP A 412 -18.22 -2.96 -15.77
N ASN A 413 -18.00 -4.16 -15.25
CA ASN A 413 -17.75 -4.36 -13.82
C ASN A 413 -16.27 -4.12 -13.50
N TYR A 414 -15.92 -2.86 -13.35
CA TYR A 414 -14.57 -2.37 -13.04
C TYR A 414 -14.42 -2.34 -11.52
N TRP A 415 -13.30 -2.92 -11.08
CA TRP A 415 -12.99 -3.10 -9.66
C TRP A 415 -12.27 -1.88 -9.09
N SER A 416 -12.89 -0.70 -9.20
CA SER A 416 -12.29 0.48 -8.63
C SER A 416 -12.91 0.83 -7.26
N GLY A 417 -13.95 0.09 -6.85
CA GLY A 417 -14.57 0.42 -5.57
C GLY A 417 -13.61 0.16 -4.40
N TYR A 418 -12.85 -0.93 -4.51
CA TYR A 418 -11.95 -1.32 -3.41
C TYR A 418 -10.73 -0.35 -3.28
N TYR A 419 -10.59 0.61 -4.19
CA TYR A 419 -9.53 1.58 -4.02
C TYR A 419 -9.96 2.48 -2.84
N THR A 420 -11.22 2.40 -2.43
CA THR A 420 -11.74 3.24 -1.30
C THR A 420 -12.40 2.49 -0.13
N SER A 421 -12.96 1.31 -0.38
CA SER A 421 -13.67 0.53 0.65
C SER A 421 -12.97 0.46 1.98
N ARG A 422 -13.71 0.60 3.08
CA ARG A 422 -13.14 0.57 4.44
C ARG A 422 -11.93 1.52 4.49
N PRO A 423 -12.19 2.81 4.26
CA PRO A 423 -11.10 3.77 4.26
C PRO A 423 -10.44 4.01 5.63
N TYR A 424 -11.14 3.74 6.71
CA TYR A 424 -10.57 3.89 8.06
C TYR A 424 -9.33 3.02 8.15
N HIS A 425 -9.43 1.77 7.67
CA HIS A 425 -8.29 0.83 7.76
C HIS A 425 -7.23 1.11 6.70
N LYS A 426 -7.64 1.73 5.59
CA LYS A 426 -6.65 2.07 4.57
C LYS A 426 -5.78 3.17 5.19
N ARG A 427 -6.40 4.02 5.99
CA ARG A 427 -5.61 5.14 6.62
C ARG A 427 -4.78 4.51 7.73
N MET A 428 -5.39 3.62 8.48
CA MET A 428 -4.66 2.97 9.56
C MET A 428 -3.39 2.26 9.01
N ASP A 429 -3.51 1.69 7.81
CA ASP A 429 -2.34 1.03 7.16
C ASP A 429 -1.13 1.98 7.05
N ARG A 430 -1.34 3.23 6.61
CA ARG A 430 -0.25 4.17 6.46
C ARG A 430 0.30 4.60 7.84
N VAL A 431 -0.58 4.68 8.82
CA VAL A 431 -0.11 5.07 10.14
C VAL A 431 0.81 3.94 10.68
N LEU A 432 0.33 2.72 10.61
CA LEU A 432 1.12 1.61 11.10
C LEU A 432 2.39 1.45 10.28
N MET A 433 2.29 1.70 8.99
CA MET A 433 3.46 1.61 8.12
C MET A 433 4.61 2.45 8.73
N HIS A 434 4.24 3.67 9.06
CA HIS A 434 5.22 4.62 9.62
C HIS A 434 5.67 4.24 11.03
N TYR A 435 4.74 3.78 11.88
CA TYR A 435 5.11 3.36 13.26
C TYR A 435 6.07 2.17 13.19
N VAL A 436 5.83 1.24 12.27
CA VAL A 436 6.75 0.08 12.20
C VAL A 436 8.14 0.60 11.79
N ARG A 437 8.17 1.47 10.80
CA ARG A 437 9.47 1.98 10.38
C ARG A 437 10.17 2.72 11.54
N ALA A 438 9.41 3.57 12.26
CA ALA A 438 10.01 4.37 13.34
C ALA A 438 10.47 3.46 14.52
N ALA A 439 9.65 2.46 14.84
CA ALA A 439 9.99 1.50 15.87
C ALA A 439 11.28 0.70 15.51
N GLU A 440 11.33 0.15 14.32
CA GLU A 440 12.52 -0.61 13.92
C GLU A 440 13.74 0.31 13.85
N MET A 441 13.53 1.51 13.39
CA MET A 441 14.66 2.44 13.27
C MET A 441 15.19 2.92 14.63
N LEU A 442 14.27 3.39 15.48
CA LEU A 442 14.64 3.87 16.82
C LEU A 442 15.32 2.78 17.66
N SER A 443 14.82 1.54 17.57
CA SER A 443 15.45 0.48 18.36
C SER A 443 16.68 -0.13 17.71
N ALA A 444 16.89 0.12 16.42
CA ALA A 444 18.05 -0.44 15.69
C ALA A 444 19.39 0.13 16.20
N TRP A 445 19.38 1.33 16.75
CA TRP A 445 20.60 1.95 17.21
C TRP A 445 21.28 1.15 18.30
N HIS A 446 20.55 0.35 19.04
CA HIS A 446 21.18 -0.42 20.09
C HIS A 446 20.83 -1.86 19.96
N SER A 447 21.64 -2.68 20.63
CA SER A 447 21.42 -4.09 20.76
C SER A 447 20.59 -4.15 22.06
N TRP A 448 19.57 -5.00 22.12
CA TRP A 448 18.76 -5.02 23.31
C TRP A 448 18.79 -6.37 23.97
N ASP A 449 18.83 -6.36 25.30
CA ASP A 449 18.76 -7.61 26.05
C ASP A 449 17.41 -8.28 25.70
N GLY A 450 17.37 -9.60 25.64
CA GLY A 450 16.12 -10.29 25.32
C GLY A 450 14.98 -9.96 26.24
N MET A 451 15.31 -9.54 27.44
CA MET A 451 14.28 -9.19 28.39
C MET A 451 13.46 -7.95 28.01
N ALA A 452 14.05 -7.10 27.19
CA ALA A 452 13.36 -5.86 26.76
C ALA A 452 12.25 -6.25 25.78
N ARG A 453 12.29 -7.49 25.30
CA ARG A 453 11.30 -7.99 24.30
C ARG A 453 11.10 -7.04 23.09
N ILE A 454 12.18 -6.46 22.60
CA ILE A 454 12.12 -5.57 21.45
C ILE A 454 11.81 -6.39 20.19
N GLU A 455 12.61 -7.42 19.96
CA GLU A 455 12.44 -8.29 18.80
C GLU A 455 11.04 -8.85 18.73
N GLU A 456 10.55 -9.31 19.89
CA GLU A 456 9.24 -9.89 19.97
C GLU A 456 8.15 -8.89 19.55
N ARG A 457 8.23 -7.66 20.07
CA ARG A 457 7.19 -6.68 19.76
C ARG A 457 7.27 -6.25 18.26
N LEU A 458 8.49 -6.12 17.74
CA LEU A 458 8.66 -5.72 16.35
C LEU A 458 8.15 -6.80 15.44
N GLU A 459 8.46 -8.05 15.77
CA GLU A 459 8.00 -9.14 14.91
C GLU A 459 6.48 -9.15 14.88
N GLN A 460 5.84 -8.96 16.04
CA GLN A 460 4.37 -8.94 16.03
C GLN A 460 3.88 -7.79 15.15
N ALA A 461 4.51 -6.61 15.31
CA ALA A 461 4.03 -5.47 14.55
C ALA A 461 4.23 -5.70 13.05
N ARG A 462 5.40 -6.17 12.63
CA ARG A 462 5.64 -6.43 11.20
C ARG A 462 4.63 -7.44 10.64
N ARG A 463 4.36 -8.48 11.41
CA ARG A 463 3.43 -9.49 10.92
C ARG A 463 1.99 -9.04 10.81
N GLU A 464 1.49 -8.21 11.75
CA GLU A 464 0.10 -7.80 11.64
C GLU A 464 -0.01 -6.80 10.48
N LEU A 465 0.98 -5.95 10.29
CA LEU A 465 0.92 -4.99 9.18
C LEU A 465 1.09 -5.80 7.87
N SER A 466 2.00 -6.79 7.88
CA SER A 466 2.22 -7.61 6.69
C SER A 466 0.93 -8.36 6.35
N LEU A 467 0.26 -8.85 7.40
CA LEU A 467 -0.97 -9.61 7.13
C LEU A 467 -1.98 -8.70 6.45
N PHE A 468 -2.06 -7.47 6.92
CA PHE A 468 -3.07 -6.54 6.35
C PHE A 468 -2.82 -6.18 4.87
N GLN A 469 -1.62 -6.46 4.35
CA GLN A 469 -1.33 -6.19 2.96
C GLN A 469 -2.07 -7.15 2.04
N HIS A 470 -2.64 -8.21 2.62
CA HIS A 470 -3.41 -9.21 1.88
C HIS A 470 -4.46 -8.48 1.02
N HIS A 471 -4.78 -9.10 -0.11
CA HIS A 471 -5.73 -8.47 -1.03
C HIS A 471 -7.22 -8.50 -0.59
N ASP A 472 -7.49 -8.91 0.68
CA ASP A 472 -8.84 -8.72 1.24
C ASP A 472 -8.66 -7.92 2.53
N GLY A 473 -7.43 -7.45 2.77
CA GLY A 473 -7.12 -6.67 3.96
C GLY A 473 -7.29 -5.21 3.65
N ILE A 474 -6.19 -4.56 3.26
CA ILE A 474 -6.23 -3.15 2.95
C ILE A 474 -7.26 -2.79 1.84
N THR A 475 -7.63 -3.78 1.02
CA THR A 475 -8.60 -3.58 -0.09
C THR A 475 -10.02 -3.29 0.46
N GLY A 476 -10.25 -3.62 1.72
CA GLY A 476 -11.57 -3.37 2.32
C GLY A 476 -12.59 -4.33 1.72
N THR A 477 -12.15 -5.51 1.31
CA THR A 477 -13.11 -6.43 0.70
C THR A 477 -13.43 -7.65 1.60
N ALA A 478 -13.16 -7.55 2.90
CA ALA A 478 -13.46 -8.70 3.80
C ALA A 478 -14.79 -8.54 4.51
N LYS A 479 -15.26 -9.61 5.12
CA LYS A 479 -16.51 -9.48 5.88
C LYS A 479 -16.25 -8.60 7.11
N THR A 480 -17.32 -7.99 7.58
CA THR A 480 -17.25 -7.14 8.75
C THR A 480 -16.50 -7.71 9.92
N HIS A 481 -16.79 -8.95 10.33
CA HIS A 481 -16.04 -9.42 11.48
C HIS A 481 -14.57 -9.66 11.19
N VAL A 482 -14.22 -9.78 9.90
CA VAL A 482 -12.80 -10.02 9.52
C VAL A 482 -12.08 -8.67 9.54
N VAL A 483 -12.75 -7.65 9.06
CA VAL A 483 -12.20 -6.29 9.10
C VAL A 483 -11.87 -5.98 10.58
N VAL A 484 -12.81 -6.34 11.47
CA VAL A 484 -12.59 -6.09 12.90
C VAL A 484 -11.35 -6.81 13.38
N ASP A 485 -11.18 -8.04 12.92
CA ASP A 485 -9.98 -8.82 13.30
C ASP A 485 -8.69 -8.08 12.86
N TYR A 486 -8.65 -7.63 11.62
CA TYR A 486 -7.46 -6.92 11.12
C TYR A 486 -7.21 -5.64 11.90
N GLU A 487 -8.30 -4.96 12.26
CA GLU A 487 -8.17 -3.71 13.00
C GLU A 487 -7.55 -4.02 14.40
N GLN A 488 -8.08 -5.03 15.07
CA GLN A 488 -7.58 -5.39 16.41
C GLN A 488 -6.13 -5.78 16.34
N ARG A 489 -5.76 -6.52 15.29
CA ARG A 489 -4.36 -6.94 15.08
C ARG A 489 -3.52 -5.70 14.86
N MET A 490 -4.01 -4.76 14.03
CA MET A 490 -3.24 -3.57 13.78
C MET A 490 -3.13 -2.72 15.03
N GLN A 491 -4.16 -2.68 15.84
CA GLN A 491 -4.12 -1.92 17.07
C GLN A 491 -3.04 -2.48 18.01
N GLU A 492 -2.96 -3.79 18.15
N GLU A 492 -2.97 -3.80 18.10
CA GLU A 492 -1.93 -4.33 19.00
CA GLU A 492 -1.98 -4.47 18.90
C GLU A 492 -0.56 -4.00 18.37
C GLU A 492 -0.59 -4.11 18.36
N ALA A 493 -0.47 -4.02 17.04
CA ALA A 493 0.83 -3.68 16.41
C ALA A 493 1.19 -2.24 16.74
N LEU A 494 0.22 -1.34 16.70
CA LEU A 494 0.50 0.07 17.03
C LEU A 494 1.03 0.16 18.47
N LYS A 495 0.37 -0.50 19.40
CA LYS A 495 0.81 -0.51 20.80
C LYS A 495 2.24 -1.10 20.92
N ALA A 496 2.54 -2.14 20.16
CA ALA A 496 3.88 -2.72 20.22
C ALA A 496 4.94 -1.70 19.74
N CYS A 497 4.64 -1.02 18.63
CA CYS A 497 5.55 -0.01 18.07
C CYS A 497 5.77 1.09 19.10
N GLN A 498 4.70 1.56 19.68
CA GLN A 498 4.80 2.61 20.72
C GLN A 498 5.72 2.20 21.89
N MET A 499 5.54 0.99 22.39
CA MET A 499 6.38 0.48 23.50
C MET A 499 7.84 0.50 23.06
N VAL A 500 8.12 -0.07 21.89
CA VAL A 500 9.50 -0.10 21.41
C VAL A 500 10.04 1.32 21.22
N MET A 501 9.26 2.15 20.55
CA MET A 501 9.70 3.53 20.28
C MET A 501 10.02 4.27 21.57
N GLN A 502 9.10 4.17 22.55
CA GLN A 502 9.30 4.92 23.81
C GLN A 502 10.48 4.38 24.62
N GLN A 503 10.68 3.07 24.68
CA GLN A 503 11.88 2.53 25.38
C GLN A 503 13.14 2.99 24.65
N SER A 504 13.06 3.05 23.32
CA SER A 504 14.22 3.48 22.54
C SER A 504 14.56 4.95 22.77
N VAL A 505 13.54 5.81 22.82
CA VAL A 505 13.80 7.21 23.08
C VAL A 505 14.43 7.39 24.46
N TYR A 506 13.85 6.72 25.44
CA TYR A 506 14.40 6.85 26.80
C TYR A 506 15.92 6.46 26.83
N ARG A 507 16.26 5.40 26.14
CA ARG A 507 17.65 4.97 26.11
C ARG A 507 18.54 5.90 25.30
N LEU A 508 18.00 6.44 24.21
CA LEU A 508 18.81 7.30 23.39
C LEU A 508 19.06 8.68 23.98
N LEU A 509 18.19 9.14 24.85
CA LEU A 509 18.34 10.47 25.36
C LEU A 509 18.60 10.53 26.87
N THR A 510 19.07 9.42 27.46
CA THR A 510 19.32 9.44 28.88
C THR A 510 20.80 9.14 29.10
N LYS A 511 21.42 9.94 29.97
CA LYS A 511 22.86 9.72 30.31
C LYS A 511 23.03 8.26 30.55
N PRO A 512 24.00 7.64 29.87
CA PRO A 512 24.16 6.18 30.06
C PRO A 512 24.28 5.63 31.47
N SER A 513 25.03 6.33 32.32
CA SER A 513 25.21 5.88 33.69
C SER A 513 24.01 6.11 34.60
N ILE A 514 22.98 6.78 34.08
CA ILE A 514 21.77 7.04 34.84
C ILE A 514 20.65 6.15 34.27
N TYR A 515 20.75 5.80 32.99
CA TYR A 515 19.74 4.99 32.30
C TYR A 515 19.39 3.74 33.12
N SER A 516 18.15 3.62 33.57
CA SER A 516 17.76 2.47 34.43
C SER A 516 16.43 1.97 33.90
N PRO A 517 16.47 1.19 32.81
CA PRO A 517 15.17 0.79 32.31
C PRO A 517 14.41 -0.32 32.99
N ASP A 518 13.10 -0.12 33.06
CA ASP A 518 12.16 -1.13 33.49
C ASP A 518 11.48 -1.37 32.09
N PHE A 519 11.82 -2.47 31.45
CA PHE A 519 11.31 -2.76 30.12
C PHE A 519 9.82 -2.84 29.94
N SER A 520 9.07 -2.82 31.04
CA SER A 520 7.59 -2.88 30.93
C SER A 520 7.02 -1.49 31.28
N PHE A 521 7.89 -0.58 31.71
CA PHE A 521 7.46 0.77 32.10
C PHE A 521 7.24 1.72 30.91
N SER A 522 6.28 2.66 31.04
CA SER A 522 6.06 3.60 29.96
C SER A 522 6.75 4.94 30.28
N TYR A 523 7.93 5.16 29.75
CA TYR A 523 8.61 6.41 30.02
C TYR A 523 8.01 7.57 29.26
N PHE A 524 7.49 7.28 28.07
CA PHE A 524 6.88 8.31 27.23
C PHE A 524 5.58 7.77 26.67
N THR A 525 4.67 8.68 26.40
CA THR A 525 3.40 8.38 25.78
C THR A 525 3.54 9.01 24.40
N LEU A 526 3.17 8.28 23.34
CA LEU A 526 3.23 8.89 22.02
C LEU A 526 2.01 9.85 21.87
N ASP A 527 2.17 10.94 21.13
CA ASP A 527 1.05 11.85 20.93
C ASP A 527 0.93 11.94 19.42
N ASP A 528 -0.20 11.57 18.88
CA ASP A 528 -0.39 11.58 17.43
C ASP A 528 -1.57 12.45 17.16
N SER A 529 -1.34 13.54 16.44
CA SER A 529 -2.44 14.46 16.15
CA SER A 529 -2.41 14.49 16.14
C SER A 529 -3.36 14.04 15.03
C SER A 529 -3.37 14.01 15.06
N ARG A 530 -2.98 13.02 14.26
CA ARG A 530 -3.82 12.63 13.17
C ARG A 530 -4.32 11.23 13.19
N TRP A 531 -4.05 10.50 14.27
CA TRP A 531 -4.59 9.14 14.30
C TRP A 531 -4.88 8.75 15.72
N PRO A 532 -6.12 8.33 16.02
CA PRO A 532 -7.27 8.17 15.11
C PRO A 532 -7.79 9.48 14.57
N GLY A 533 -7.39 10.56 15.21
CA GLY A 533 -7.74 11.88 14.79
C GLY A 533 -8.85 12.46 15.61
N SER A 534 -8.76 13.79 15.75
CA SER A 534 -9.74 14.59 16.49
C SER A 534 -11.12 14.31 15.86
N GLY A 535 -12.09 13.97 16.70
CA GLY A 535 -13.43 13.64 16.21
C GLY A 535 -13.57 12.15 15.90
N VAL A 536 -12.44 11.43 15.92
CA VAL A 536 -12.51 10.01 15.64
C VAL A 536 -12.42 9.28 16.98
N GLU A 537 -11.44 9.67 17.79
CA GLU A 537 -11.26 9.09 19.12
C GLU A 537 -10.60 10.13 20.05
N ASP A 538 -11.08 10.23 21.30
CA ASP A 538 -10.41 11.16 22.22
C ASP A 538 -9.33 10.29 22.81
N SER A 539 -8.16 10.33 22.20
CA SER A 539 -7.10 9.44 22.64
C SER A 539 -5.83 10.12 23.09
N ARG A 540 -5.71 11.40 22.77
CA ARG A 540 -4.52 12.14 23.13
C ARG A 540 -4.53 12.54 24.57
N THR A 541 -3.40 12.41 25.21
CA THR A 541 -3.32 12.81 26.58
C THR A 541 -3.06 14.33 26.64
N THR A 542 -3.57 14.97 27.67
CA THR A 542 -3.37 16.39 27.88
C THR A 542 -2.17 16.48 28.81
N ILE A 543 -1.21 17.30 28.45
CA ILE A 543 -0.08 17.52 29.33
C ILE A 543 -0.62 18.48 30.45
N ILE A 544 -0.75 17.95 31.68
CA ILE A 544 -1.33 18.67 32.79
C ILE A 544 -0.27 19.38 33.60
N LEU A 545 -0.30 20.70 33.51
CA LEU A 545 0.65 21.54 34.20
C LEU A 545 -0.08 22.42 35.21
N GLY A 546 0.61 22.85 36.26
CA GLY A 546 -0.03 23.73 37.22
C GLY A 546 0.98 24.02 38.30
N GLU A 547 0.94 25.22 38.83
CA GLU A 547 1.88 25.58 39.89
C GLU A 547 1.76 24.61 41.06
N ASP A 548 0.56 24.11 41.31
CA ASP A 548 0.38 23.20 42.44
C ASP A 548 0.55 21.75 42.11
N ILE A 549 0.96 21.45 40.87
CA ILE A 549 1.13 20.05 40.51
C ILE A 549 2.37 19.71 39.67
N LEU A 550 2.67 20.53 38.67
CA LEU A 550 3.80 20.22 37.82
C LEU A 550 4.08 21.44 36.97
N PRO A 551 5.24 22.03 37.17
CA PRO A 551 5.47 23.21 36.35
C PRO A 551 5.86 23.03 34.88
N SER A 552 6.41 21.88 34.51
CA SER A 552 6.87 21.76 33.13
C SER A 552 6.90 20.29 32.73
N LYS A 553 7.08 20.11 31.44
CA LYS A 553 7.05 18.79 30.85
C LYS A 553 8.00 18.70 29.66
N HIS A 554 8.78 17.64 29.65
CA HIS A 554 9.67 17.42 28.50
C HIS A 554 8.90 16.63 27.47
N VAL A 555 9.11 16.98 26.20
CA VAL A 555 8.55 16.30 25.07
C VAL A 555 9.71 16.05 24.09
N VAL A 556 9.59 14.97 23.31
CA VAL A 556 10.67 14.66 22.40
C VAL A 556 10.08 14.38 21.01
N MET A 557 10.72 14.91 19.98
CA MET A 557 10.32 14.62 18.60
C MET A 557 11.36 13.71 17.92
N HIS A 558 10.87 12.76 17.14
CA HIS A 558 11.75 11.88 16.36
C HIS A 558 11.46 12.17 14.88
N ASN A 559 12.52 12.17 14.06
CA ASN A 559 12.44 12.44 12.66
C ASN A 559 13.05 11.23 11.94
N THR A 560 12.20 10.35 11.42
CA THR A 560 12.74 9.14 10.78
C THR A 560 13.46 9.36 9.44
N LEU A 561 13.24 10.53 8.85
CA LEU A 561 13.84 10.90 7.53
C LEU A 561 15.30 11.26 7.74
N PRO A 562 16.14 10.87 6.76
CA PRO A 562 17.57 11.16 6.83
C PRO A 562 18.01 12.55 6.42
N HIS A 563 17.25 13.55 6.81
CA HIS A 563 17.68 14.92 6.62
C HIS A 563 17.08 15.76 7.77
N TRP A 564 17.77 16.85 8.09
CA TRP A 564 17.32 17.77 9.12
C TRP A 564 15.90 18.17 8.73
N ARG A 565 15.01 18.24 9.68
CA ARG A 565 13.67 18.59 9.29
C ARG A 565 13.01 19.47 10.31
N GLU A 566 12.33 20.48 9.82
CA GLU A 566 11.54 21.31 10.71
C GLU A 566 10.09 21.01 10.38
N GLN A 567 9.25 20.98 11.42
CA GLN A 567 7.81 20.76 11.23
C GLN A 567 7.08 21.29 12.45
N LEU A 568 5.91 21.86 12.25
CA LEU A 568 5.15 22.30 13.43
C LEU A 568 4.58 21.06 14.08
N VAL A 569 4.58 21.07 15.40
CA VAL A 569 4.02 19.99 16.21
C VAL A 569 3.11 20.62 17.22
N ASP A 570 2.09 19.89 17.62
CA ASP A 570 1.19 20.44 18.59
CA ASP A 570 1.20 20.44 18.61
C ASP A 570 0.95 19.45 19.72
C ASP A 570 1.00 19.46 19.74
N PHE A 571 0.60 19.97 20.89
CA PHE A 571 0.33 19.13 22.03
C PHE A 571 -0.85 19.77 22.75
N TYR A 572 -1.65 18.95 23.42
CA TYR A 572 -2.70 19.52 24.25
C TYR A 572 -2.07 19.79 25.59
N VAL A 573 -2.44 20.94 26.18
CA VAL A 573 -1.93 21.35 27.50
C VAL A 573 -3.14 21.87 28.29
N SER A 574 -3.06 21.81 29.61
CA SER A 574 -4.14 22.17 30.51
C SER A 574 -4.21 23.64 30.83
N SER A 575 -3.37 24.43 30.19
CA SER A 575 -3.38 25.87 30.40
C SER A 575 -2.93 26.51 29.15
N PRO A 576 -3.47 27.69 28.83
CA PRO A 576 -3.01 28.37 27.61
C PRO A 576 -1.71 29.12 27.87
N PHE A 577 -1.30 29.24 29.13
CA PHE A 577 -0.10 30.03 29.41
C PHE A 577 1.10 29.11 29.52
N VAL A 578 1.63 28.73 28.36
CA VAL A 578 2.73 27.77 28.30
C VAL A 578 3.74 28.29 27.33
N SER A 579 5.01 28.16 27.67
CA SER A 579 6.03 28.57 26.75
C SER A 579 6.91 27.37 26.51
N VAL A 580 7.61 27.43 25.41
CA VAL A 580 8.42 26.33 24.98
C VAL A 580 9.87 26.77 24.91
N THR A 581 10.75 25.86 25.30
CA THR A 581 12.17 26.11 25.22
C THR A 581 12.80 24.79 24.72
N ASP A 582 13.98 24.93 24.13
CA ASP A 582 14.74 23.75 23.76
C ASP A 582 15.63 23.31 24.93
N LEU A 583 16.51 22.32 24.75
CA LEU A 583 17.23 21.90 25.94
C LEU A 583 18.33 22.83 26.40
N ALA A 584 18.75 23.79 25.54
CA ALA A 584 19.76 24.82 25.97
C ALA A 584 18.93 25.95 26.58
N ASN A 585 17.64 25.69 26.73
CA ASN A 585 16.78 26.66 27.34
C ASN A 585 16.53 27.91 26.44
N ASN A 586 16.74 27.80 25.13
CA ASN A 586 16.42 28.90 24.26
C ASN A 586 14.88 28.88 24.02
N PRO A 587 14.24 30.05 24.05
CA PRO A 587 12.79 30.13 23.83
C PRO A 587 12.49 29.74 22.42
N VAL A 588 11.37 29.06 22.27
CA VAL A 588 10.94 28.64 20.94
C VAL A 588 9.56 29.30 20.75
N GLU A 589 9.40 30.04 19.67
CA GLU A 589 8.13 30.75 19.41
C GLU A 589 7.00 29.71 19.32
N ALA A 590 5.87 29.98 19.96
CA ALA A 590 4.76 29.01 19.96
C ALA A 590 3.47 29.72 19.78
N GLN A 591 2.45 28.99 19.39
CA GLN A 591 1.13 29.56 19.23
C GLN A 591 0.18 28.64 20.01
N VAL A 592 -0.80 29.23 20.70
CA VAL A 592 -1.79 28.42 21.39
C VAL A 592 -3.10 28.70 20.69
N SER A 593 -3.87 27.66 20.48
CA SER A 593 -5.20 27.74 19.84
C SER A 593 -6.10 26.91 20.72
N PRO A 594 -7.41 27.08 20.55
CA PRO A 594 -8.36 26.29 21.35
C PRO A 594 -8.40 24.86 20.82
N VAL A 595 -9.05 23.97 21.56
CA VAL A 595 -9.24 22.59 21.06
C VAL A 595 -10.71 22.67 20.64
N TRP A 596 -10.97 22.53 19.34
CA TRP A 596 -12.31 22.60 18.81
C TRP A 596 -12.80 21.18 18.42
N SER A 597 -14.00 20.79 18.86
CA SER A 597 -14.58 19.53 18.38
C SER A 597 -15.93 19.83 17.74
N TRP A 598 -16.20 19.14 16.66
CA TRP A 598 -17.44 19.35 15.94
C TRP A 598 -18.49 18.38 16.40
N HIS A 599 -19.70 18.85 16.56
CA HIS A 599 -20.76 17.98 17.01
C HIS A 599 -21.93 18.07 16.07
N HIS A 600 -22.47 16.92 15.67
CA HIS A 600 -23.66 16.92 14.80
C HIS A 600 -24.66 17.08 15.93
N ASP A 601 -25.20 18.28 16.04
CA ASP A 601 -26.11 18.56 17.11
C ASP A 601 -27.52 18.10 16.73
N THR A 602 -27.94 16.99 17.32
CA THR A 602 -29.22 16.39 17.00
C THR A 602 -30.43 17.19 17.46
N LEU A 603 -30.19 18.23 18.25
CA LEU A 603 -31.25 19.10 18.72
C LEU A 603 -31.45 20.31 17.75
N THR A 604 -30.39 21.05 17.46
CA THR A 604 -30.48 22.19 16.54
C THR A 604 -30.38 21.75 15.10
N LYS A 605 -30.00 20.50 14.88
CA LYS A 605 -29.82 19.94 13.53
C LYS A 605 -28.75 20.72 12.78
N THR A 606 -27.65 21.06 13.41
CA THR A 606 -26.56 21.76 12.74
C THR A 606 -25.29 21.02 13.13
N ILE A 607 -24.22 21.25 12.38
CA ILE A 607 -22.93 20.64 12.67
C ILE A 607 -22.14 21.85 13.12
N HIS A 608 -21.79 21.91 14.40
CA HIS A 608 -21.10 23.11 14.88
C HIS A 608 -20.02 22.75 15.89
N PRO A 609 -19.05 23.64 16.03
CA PRO A 609 -17.93 23.39 16.94
C PRO A 609 -18.07 23.87 18.34
N GLN A 610 -17.48 23.15 19.27
CA GLN A 610 -17.51 23.56 20.67
C GLN A 610 -16.05 23.62 21.06
N GLY A 611 -15.67 24.67 21.76
CA GLY A 611 -14.31 24.79 22.21
C GLY A 611 -14.13 24.27 23.63
N SER A 612 -13.01 23.61 23.88
CA SER A 612 -12.74 23.07 25.22
C SER A 612 -12.48 24.23 26.14
N THR A 613 -12.95 24.15 27.38
CA THR A 613 -12.62 25.24 28.29
C THR A 613 -11.53 24.70 29.26
N THR A 614 -11.13 23.42 29.13
CA THR A 614 -10.09 22.80 30.00
C THR A 614 -8.74 22.40 29.32
N LYS A 615 -8.68 22.39 28.00
CA LYS A 615 -7.44 22.04 27.38
C LYS A 615 -7.30 22.87 26.14
N TYR A 616 -6.04 23.08 25.77
CA TYR A 616 -5.67 23.95 24.64
C TYR A 616 -4.58 23.33 23.82
N ARG A 617 -4.37 23.85 22.61
CA ARG A 617 -3.35 23.32 21.73
C ARG A 617 -2.18 24.23 21.68
N ILE A 618 -0.98 23.74 22.01
CA ILE A 618 0.21 24.59 21.87
C ILE A 618 0.93 24.06 20.65
N ILE A 619 1.39 24.97 19.81
CA ILE A 619 2.00 24.60 18.55
C ILE A 619 3.35 25.30 18.43
N PHE A 620 4.35 24.58 17.97
CA PHE A 620 5.64 25.21 17.78
C PHE A 620 6.41 24.41 16.78
N LYS A 621 7.43 25.04 16.23
CA LYS A 621 8.26 24.41 15.20
C LYS A 621 9.36 23.57 15.82
N ALA A 622 9.32 22.26 15.56
CA ALA A 622 10.39 21.42 16.12
C ALA A 622 11.44 21.29 15.04
N ARG A 623 12.70 21.19 15.42
CA ARG A 623 13.78 21.05 14.43
C ARG A 623 14.52 19.82 14.86
N VAL A 624 14.58 18.85 13.96
CA VAL A 624 15.11 17.55 14.39
C VAL A 624 16.15 17.01 13.47
N PRO A 625 17.22 16.43 14.04
CA PRO A 625 18.29 15.89 13.22
C PRO A 625 17.87 14.73 12.30
N PRO A 626 18.69 14.47 11.26
CA PRO A 626 18.37 13.36 10.38
C PRO A 626 18.30 12.11 11.28
N MET A 627 17.25 11.29 11.08
CA MET A 627 17.11 10.02 11.83
C MET A 627 17.42 10.24 13.28
N GLY A 628 16.90 11.34 13.82
CA GLY A 628 17.26 11.71 15.19
C GLY A 628 16.14 12.18 16.09
N LEU A 629 16.54 12.76 17.22
CA LEU A 629 15.59 13.18 18.24
C LEU A 629 15.91 14.58 18.76
N ALA A 630 14.89 15.31 19.19
CA ALA A 630 15.14 16.65 19.73
C ALA A 630 14.15 16.81 20.86
N THR A 631 14.68 17.29 21.98
CA THR A 631 13.90 17.49 23.22
C THR A 631 13.50 18.93 23.43
N TYR A 632 12.24 19.16 23.84
CA TYR A 632 11.80 20.51 24.16
C TYR A 632 11.14 20.43 25.53
N VAL A 633 10.88 21.60 26.12
CA VAL A 633 10.23 21.68 27.45
C VAL A 633 9.08 22.70 27.37
N LEU A 634 7.93 22.31 27.88
CA LEU A 634 6.75 23.16 27.91
C LEU A 634 6.61 23.57 29.37
N THR A 635 6.56 24.88 29.65
CA THR A 635 6.55 25.37 31.03
C THR A 635 5.33 26.29 31.22
N ILE A 636 4.64 26.15 32.34
CA ILE A 636 3.44 26.97 32.57
C ILE A 636 3.90 28.26 33.21
N SER A 637 3.12 29.33 33.02
CA SER A 637 3.41 30.62 33.68
C SER A 637 2.05 31.13 34.12
N ASP A 638 2.01 32.13 34.99
CA ASP A 638 0.71 32.59 35.46
C ASP A 638 0.01 33.45 34.40
N SER A 639 0.75 33.98 33.43
CA SER A 639 0.12 34.81 32.41
C SER A 639 0.75 34.63 31.05
N LYS A 640 0.30 35.40 30.09
CA LYS A 640 0.83 35.23 28.74
C LYS A 640 2.34 35.25 28.68
N PRO A 641 2.94 34.16 28.19
CA PRO A 641 4.40 34.16 28.11
C PRO A 641 4.87 34.98 26.91
N GLU A 642 6.06 35.50 27.00
CA GLU A 642 6.61 36.32 25.94
C GLU A 642 6.69 35.71 24.53
N HIS A 643 6.96 34.42 24.45
CA HIS A 643 7.13 33.83 23.12
C HIS A 643 5.99 32.96 22.63
N THR A 644 4.84 33.12 23.27
CA THR A 644 3.67 32.38 22.88
C THR A 644 2.59 33.38 22.45
N SER A 645 2.02 33.16 21.27
CA SER A 645 0.96 34.02 20.75
C SER A 645 -0.34 33.20 20.77
N TYR A 646 -1.46 33.90 20.58
CA TYR A 646 -2.74 33.25 20.65
C TYR A 646 -3.52 33.48 19.41
N ALA A 647 -4.09 32.43 18.87
CA ALA A 647 -4.86 32.59 17.64
C ALA A 647 -6.20 33.30 17.86
N SER A 648 -6.67 34.02 16.87
CA SER A 648 -7.99 34.64 17.02
C SER A 648 -8.89 33.59 16.43
N ASN A 649 -10.18 33.61 16.77
CA ASN A 649 -11.11 32.62 16.23
C ASN A 649 -12.35 33.34 15.81
N LEU A 650 -12.87 32.93 14.66
CA LEU A 650 -14.06 33.56 14.12
C LEU A 650 -15.03 32.51 13.66
N LEU A 651 -16.20 32.50 14.28
CA LEU A 651 -17.27 31.58 13.93
C LEU A 651 -18.29 32.27 12.99
N LEU A 652 -18.42 31.77 11.76
CA LEU A 652 -19.29 32.35 10.79
C LEU A 652 -20.53 31.49 10.58
N ARG A 653 -21.66 32.09 10.95
CA ARG A 653 -22.96 31.47 10.78
C ARG A 653 -23.98 32.48 11.19
N LYS A 654 -25.21 32.26 10.76
CA LYS A 654 -26.33 33.12 11.15
C LYS A 654 -26.75 32.57 12.56
N ASN A 655 -27.34 33.37 13.40
CA ASN A 655 -27.82 32.80 14.68
C ASN A 655 -26.74 32.19 15.55
N PRO A 656 -25.66 32.93 15.83
CA PRO A 656 -24.62 32.34 16.67
C PRO A 656 -24.96 32.41 18.14
N THR A 657 -24.27 31.57 18.92
CA THR A 657 -24.36 31.65 20.36
C THR A 657 -22.90 31.74 20.86
N SER A 658 -22.70 32.20 22.08
CA SER A 658 -21.40 32.35 22.71
C SER A 658 -20.61 30.99 22.72
N LEU A 659 -19.28 31.10 22.70
CA LEU A 659 -18.38 29.94 22.70
C LEU A 659 -17.28 30.34 23.65
N PRO A 660 -17.50 30.05 24.94
CA PRO A 660 -16.54 30.38 25.98
C PRO A 660 -15.37 29.36 25.88
N LEU A 661 -14.19 29.81 26.22
CA LEU A 661 -13.02 28.97 26.09
C LEU A 661 -12.15 28.97 27.36
N GLY A 662 -12.80 28.92 28.52
CA GLY A 662 -12.06 28.91 29.79
C GLY A 662 -11.05 30.00 29.87
N GLN A 663 -9.79 29.65 30.15
CA GLN A 663 -8.80 30.72 30.27
C GLN A 663 -8.25 31.24 28.95
N TYR A 664 -8.67 30.71 27.83
CA TYR A 664 -8.09 31.20 26.58
C TYR A 664 -8.18 32.72 26.58
N PRO A 665 -7.09 33.41 26.30
CA PRO A 665 -7.10 34.88 26.30
C PRO A 665 -7.78 35.74 25.22
N GLU A 666 -8.18 35.14 24.11
CA GLU A 666 -8.83 35.89 23.03
C GLU A 666 -10.27 35.42 22.91
N ASP A 667 -11.19 36.39 22.90
CA ASP A 667 -12.61 36.07 22.77
C ASP A 667 -12.97 35.64 21.33
N VAL A 668 -13.76 34.62 21.18
CA VAL A 668 -14.18 34.20 19.86
C VAL A 668 -15.05 35.34 19.26
N LYS A 669 -14.89 35.61 17.96
CA LYS A 669 -15.65 36.63 17.25
C LYS A 669 -16.68 35.87 16.42
N PHE A 670 -17.79 36.56 16.06
CA PHE A 670 -18.87 35.96 15.31
C PHE A 670 -19.21 36.81 14.08
N GLY A 671 -19.84 36.22 13.08
CA GLY A 671 -20.24 36.99 11.92
C GLY A 671 -21.11 36.16 11.02
N ASP A 672 -21.77 36.81 10.07
CA ASP A 672 -22.53 36.07 9.10
C ASP A 672 -21.53 35.43 8.12
N PRO A 673 -21.90 34.32 7.48
CA PRO A 673 -21.07 33.60 6.48
C PRO A 673 -20.60 34.66 5.46
N ARG A 674 -19.34 34.57 5.08
CA ARG A 674 -18.77 35.50 4.10
C ARG A 674 -17.49 34.90 3.54
N GLU A 675 -17.07 35.39 2.38
CA GLU A 675 -15.83 34.93 1.84
C GLU A 675 -14.70 35.45 2.72
N ILE A 676 -13.64 34.65 2.79
CA ILE A 676 -12.51 35.06 3.57
C ILE A 676 -11.22 34.69 2.87
N SER A 677 -10.17 35.36 3.29
N SER A 677 -10.16 35.34 3.28
CA SER A 677 -8.84 35.16 2.74
CA SER A 677 -8.83 35.08 2.72
C SER A 677 -7.84 35.04 3.89
C SER A 677 -7.87 35.00 3.88
N LEU A 678 -6.86 34.14 3.75
CA LEU A 678 -5.87 33.97 4.79
C LEU A 678 -4.52 33.73 4.15
N ARG A 679 -3.53 34.16 4.89
CA ARG A 679 -2.16 34.02 4.48
C ARG A 679 -1.27 33.78 5.73
N VAL A 680 -0.58 32.65 5.78
CA VAL A 680 0.33 32.40 6.90
C VAL A 680 1.73 32.60 6.37
N GLY A 681 2.55 33.25 7.19
CA GLY A 681 3.94 33.51 6.80
C GLY A 681 4.01 34.22 5.45
N ASN A 682 4.92 33.76 4.59
CA ASN A 682 5.11 34.30 3.24
C ASN A 682 4.40 33.39 2.27
N GLY A 683 3.82 32.32 2.82
CA GLY A 683 3.17 31.28 2.04
C GLY A 683 2.15 31.81 1.08
N PRO A 684 1.36 30.90 0.49
CA PRO A 684 0.32 31.31 -0.45
C PRO A 684 -0.83 32.02 0.31
N THR A 685 -1.68 32.70 -0.45
CA THR A 685 -2.85 33.37 0.15
C THR A 685 -3.98 32.53 -0.41
N LEU A 686 -4.86 32.08 0.47
CA LEU A 686 -5.94 31.24 0.05
C LEU A 686 -7.25 31.96 0.32
N ALA A 687 -8.18 31.88 -0.64
CA ALA A 687 -9.48 32.48 -0.52
C ALA A 687 -10.52 31.34 -0.46
N PHE A 688 -11.50 31.54 0.40
CA PHE A 688 -12.52 30.56 0.60
C PHE A 688 -13.87 31.23 0.37
N SER A 689 -14.78 30.39 -0.05
CA SER A 689 -16.14 30.80 -0.31
C SER A 689 -16.81 30.95 1.07
N GLU A 690 -17.98 31.57 1.05
CA GLU A 690 -18.70 31.72 2.28
C GLU A 690 -19.13 30.37 2.86
N GLN A 691 -18.92 29.27 2.11
CA GLN A 691 -19.22 27.95 2.69
C GLN A 691 -17.95 27.33 3.25
N GLY A 692 -16.88 28.09 3.33
CA GLY A 692 -15.70 27.52 3.96
C GLY A 692 -14.88 26.62 3.06
N LEU A 693 -15.11 26.70 1.76
CA LEU A 693 -14.34 25.85 0.85
C LEU A 693 -13.39 26.68 0.05
N LEU A 694 -12.23 26.11 -0.21
CA LEU A 694 -11.23 26.81 -1.01
C LEU A 694 -11.79 27.26 -2.35
N LYS A 695 -11.48 28.49 -2.78
CA LYS A 695 -11.91 28.90 -4.15
C LYS A 695 -10.72 29.40 -4.95
N SER A 696 -9.65 29.80 -4.28
CA SER A 696 -8.47 30.23 -5.05
C SER A 696 -7.21 30.24 -4.23
N ILE A 697 -6.09 30.13 -4.94
CA ILE A 697 -4.77 30.15 -4.32
C ILE A 697 -3.94 31.20 -5.03
N GLN A 698 -3.31 32.06 -4.27
CA GLN A 698 -2.46 33.06 -4.84
C GLN A 698 -1.10 32.75 -4.28
N LEU A 699 -0.17 32.43 -5.16
CA LEU A 699 1.14 32.00 -4.72
C LEU A 699 2.03 33.04 -4.09
N THR A 700 2.05 34.24 -4.65
CA THR A 700 2.89 35.32 -4.14
C THR A 700 1.99 36.54 -4.07
N GLN A 701 2.41 37.58 -3.38
CA GLN A 701 1.51 38.73 -3.22
C GLN A 701 0.90 39.40 -4.45
N ASP A 702 1.53 39.33 -5.62
CA ASP A 702 0.83 39.95 -6.75
C ASP A 702 0.44 39.03 -7.89
N SER A 703 0.74 37.73 -7.73
CA SER A 703 0.42 36.72 -8.72
C SER A 703 -1.08 36.55 -8.79
N PRO A 704 -1.57 35.87 -9.82
CA PRO A 704 -3.01 35.70 -9.88
C PRO A 704 -3.62 34.80 -8.79
N HIS A 705 -4.89 35.07 -8.53
CA HIS A 705 -5.66 34.29 -7.59
C HIS A 705 -6.07 33.14 -8.48
N VAL A 706 -5.32 32.06 -8.42
CA VAL A 706 -5.62 30.92 -9.29
C VAL A 706 -6.86 30.15 -8.84
N PRO A 707 -7.88 30.00 -9.70
CA PRO A 707 -9.10 29.28 -9.35
C PRO A 707 -8.79 27.82 -8.98
N VAL A 708 -9.08 27.44 -7.73
CA VAL A 708 -8.88 26.08 -7.22
C VAL A 708 -10.04 25.97 -6.24
N HIS A 709 -11.05 25.21 -6.63
N HIS A 709 -11.02 25.17 -6.60
CA HIS A 709 -12.26 25.11 -5.83
CA HIS A 709 -12.17 25.08 -5.73
C HIS A 709 -12.50 23.68 -5.30
C HIS A 709 -12.40 23.67 -5.27
N PHE A 710 -12.66 23.51 -3.98
CA PHE A 710 -12.98 22.18 -3.45
C PHE A 710 -14.51 22.08 -3.53
N LYS A 711 -15.00 20.89 -3.84
CA LYS A 711 -16.42 20.66 -3.91
C LYS A 711 -16.67 19.23 -3.48
N PHE A 712 -17.72 18.98 -2.76
CA PHE A 712 -18.04 17.61 -2.34
C PHE A 712 -19.26 17.13 -3.06
N LEU A 713 -19.18 15.94 -3.63
CA LEU A 713 -20.32 15.38 -4.38
C LEU A 713 -20.60 13.97 -3.97
N LYS A 714 -21.70 13.42 -4.51
CA LYS A 714 -22.08 12.07 -4.22
C LYS A 714 -22.48 11.28 -5.46
N TYR A 715 -22.04 10.00 -5.45
CA TYR A 715 -22.36 9.05 -6.47
C TYR A 715 -23.38 8.17 -5.82
N GLY A 716 -24.30 7.64 -6.61
CA GLY A 716 -25.30 6.74 -6.10
C GLY A 716 -25.01 5.33 -6.68
N VAL A 717 -26.02 4.49 -6.60
CA VAL A 717 -25.95 3.11 -7.08
C VAL A 717 -27.07 2.91 -8.07
N ARG A 718 -26.87 2.03 -9.05
CA ARG A 718 -27.89 1.84 -10.07
C ARG A 718 -29.14 1.18 -9.53
N SER A 719 -30.31 1.57 -10.02
CA SER A 719 -31.53 0.96 -9.50
C SER A 719 -31.87 -0.33 -10.25
N HIS A 720 -31.31 -0.54 -11.43
CA HIS A 720 -31.48 -1.82 -12.10
C HIS A 720 -30.06 -2.16 -12.61
N GLY A 721 -29.78 -3.43 -12.80
CA GLY A 721 -28.46 -3.77 -13.27
C GLY A 721 -27.55 -4.10 -12.09
N ASP A 722 -26.24 -4.12 -12.35
CA ASP A 722 -25.28 -4.49 -11.36
C ASP A 722 -25.12 -3.39 -10.31
N ARG A 723 -25.01 -3.83 -9.07
CA ARG A 723 -24.83 -2.94 -7.93
C ARG A 723 -23.39 -2.78 -7.51
N SER A 724 -23.02 -1.56 -7.14
CA SER A 724 -21.70 -1.32 -6.60
C SER A 724 -21.66 -2.12 -5.29
N GLY A 725 -20.47 -2.59 -4.96
CA GLY A 725 -20.24 -3.31 -3.72
C GLY A 725 -18.82 -2.99 -3.22
N ALA A 726 -18.27 -3.83 -2.33
CA ALA A 726 -16.95 -3.60 -1.79
C ALA A 726 -15.90 -3.55 -2.92
N TYR A 727 -16.12 -4.33 -4.00
CA TYR A 727 -15.17 -4.37 -5.11
C TYR A 727 -15.46 -3.42 -6.24
N LEU A 728 -16.69 -3.50 -6.71
CA LEU A 728 -17.14 -2.75 -7.87
C LEU A 728 -17.63 -1.32 -7.63
N PHE A 729 -17.21 -0.37 -8.48
CA PHE A 729 -17.77 0.96 -8.44
C PHE A 729 -18.67 0.99 -9.74
N LEU A 730 -20.00 1.05 -9.57
CA LEU A 730 -20.97 1.07 -10.68
C LEU A 730 -21.88 2.25 -10.44
N PRO A 731 -21.35 3.44 -10.65
CA PRO A 731 -22.17 4.63 -10.40
C PRO A 731 -23.42 4.78 -11.26
N ASN A 732 -24.44 5.43 -10.71
CA ASN A 732 -25.62 5.70 -11.53
C ASN A 732 -25.41 7.08 -12.12
N GLY A 733 -24.34 7.25 -12.88
CA GLY A 733 -24.07 8.53 -13.53
C GLY A 733 -23.08 9.41 -12.78
N PRO A 734 -22.73 10.59 -13.35
CA PRO A 734 -21.79 11.53 -12.74
C PRO A 734 -22.32 11.87 -11.36
N ALA A 735 -21.43 12.29 -10.50
CA ALA A 735 -21.76 12.65 -9.14
C ALA A 735 -22.61 13.95 -9.10
N SER A 736 -23.43 14.10 -8.06
CA SER A 736 -24.28 15.27 -7.84
C SER A 736 -23.76 15.99 -6.64
N PRO A 737 -23.79 17.32 -6.65
CA PRO A 737 -23.26 18.07 -5.49
C PRO A 737 -24.00 17.74 -4.19
N VAL A 738 -23.25 17.67 -3.09
CA VAL A 738 -23.82 17.46 -1.77
C VAL A 738 -24.52 18.83 -1.49
N GLU A 739 -25.74 18.81 -1.02
CA GLU A 739 -26.48 20.02 -0.69
C GLU A 739 -25.86 20.47 0.61
N LEU A 740 -25.25 21.64 0.60
CA LEU A 740 -24.53 22.08 1.81
C LEU A 740 -25.34 22.85 2.85
N GLY A 741 -26.51 23.39 2.47
CA GLY A 741 -27.26 24.20 3.43
C GLY A 741 -26.43 25.46 3.70
N GLN A 742 -26.49 26.01 4.92
CA GLN A 742 -25.66 27.19 5.25
C GLN A 742 -24.77 26.63 6.39
N PRO A 743 -23.66 25.97 6.04
CA PRO A 743 -22.75 25.37 7.03
C PRO A 743 -22.04 26.34 7.95
N VAL A 744 -21.70 25.87 9.14
CA VAL A 744 -20.99 26.68 10.10
C VAL A 744 -19.50 26.61 9.73
N VAL A 745 -18.88 27.78 9.66
CA VAL A 745 -17.48 27.86 9.26
C VAL A 745 -16.70 28.47 10.39
N LEU A 746 -15.63 27.81 10.78
CA LEU A 746 -14.79 28.31 11.87
C LEU A 746 -13.44 28.71 11.28
N VAL A 747 -13.02 29.93 11.55
CA VAL A 747 -11.76 30.43 11.09
C VAL A 747 -10.84 30.70 12.28
N THR A 748 -9.67 30.07 12.27
CA THR A 748 -8.72 30.29 13.33
C THR A 748 -7.52 30.89 12.65
N LYS A 749 -7.06 32.03 13.15
CA LYS A 749 -5.94 32.69 12.53
C LYS A 749 -4.84 32.89 13.53
N GLY A 750 -3.67 32.38 13.19
CA GLY A 750 -2.53 32.48 14.11
C GLY A 750 -1.31 32.78 13.30
N LYS A 751 -0.26 33.19 13.99
CA LYS A 751 1.00 33.52 13.36
C LYS A 751 1.68 32.26 12.77
N LEU A 752 1.57 31.13 13.44
CA LEU A 752 2.21 29.92 12.92
C LEU A 752 1.29 29.01 12.11
N GLU A 753 0.01 29.02 12.48
CA GLU A 753 -0.96 28.15 11.88
C GLU A 753 -2.37 28.79 11.86
N SER A 754 -3.00 28.78 10.69
CA SER A 754 -4.36 29.29 10.61
C SER A 754 -5.15 28.15 9.94
N SER A 755 -6.47 28.21 10.02
CA SER A 755 -7.25 27.17 9.38
CA SER A 755 -7.23 27.16 9.34
C SER A 755 -8.67 27.64 9.13
C SER A 755 -8.67 27.60 9.16
N VAL A 756 -9.33 26.94 8.23
CA VAL A 756 -10.73 27.21 7.98
C VAL A 756 -11.34 25.82 8.04
N SER A 757 -12.34 25.64 8.89
CA SER A 757 -13.06 24.38 9.05
C SER A 757 -14.51 24.59 8.84
N VAL A 758 -15.17 23.63 8.19
CA VAL A 758 -16.62 23.78 7.93
C VAL A 758 -17.28 22.42 8.13
N GLY A 759 -18.43 22.46 8.79
CA GLY A 759 -19.16 21.26 9.09
C GLY A 759 -20.17 21.02 7.98
N LEU A 760 -19.81 20.16 7.04
CA LEU A 760 -20.65 19.81 5.91
C LEU A 760 -21.33 18.53 6.22
N PRO A 761 -22.37 18.16 5.45
CA PRO A 761 -23.04 16.87 5.76
C PRO A 761 -22.01 15.76 5.42
N SER A 762 -21.82 14.90 6.39
CA SER A 762 -20.87 13.77 6.33
C SER A 762 -19.42 14.15 6.40
N VAL A 763 -19.09 15.45 6.38
CA VAL A 763 -17.67 15.80 6.39
C VAL A 763 -17.31 17.08 7.13
N VAL A 764 -16.38 17.01 8.07
CA VAL A 764 -15.91 18.25 8.65
C VAL A 764 -14.65 18.41 7.83
N HIS A 765 -14.68 19.43 6.96
CA HIS A 765 -13.60 19.71 6.00
C HIS A 765 -12.73 20.84 6.57
N GLN A 766 -11.43 20.59 6.65
CA GLN A 766 -10.53 21.56 7.25
CA GLN A 766 -10.55 21.60 7.20
C GLN A 766 -9.34 21.89 6.36
C GLN A 766 -9.37 21.90 6.30
N THR A 767 -9.06 23.19 6.19
CA THR A 767 -7.93 23.63 5.41
C THR A 767 -6.97 24.30 6.37
N ILE A 768 -5.79 23.72 6.50
CA ILE A 768 -4.83 24.22 7.45
C ILE A 768 -3.61 24.83 6.79
N MET A 769 -3.22 25.99 7.25
CA MET A 769 -2.08 26.68 6.69
C MET A 769 -0.99 26.93 7.67
N ARG A 770 0.24 26.61 7.25
CA ARG A 770 1.39 26.77 8.11
C ARG A 770 2.51 27.50 7.41
N GLY A 771 2.21 28.07 6.26
CA GLY A 771 3.24 28.79 5.56
C GLY A 771 3.57 28.19 4.20
N GLY A 772 3.20 26.93 3.96
CA GLY A 772 3.43 26.37 2.61
C GLY A 772 2.13 25.80 2.02
N ALA A 773 2.24 24.71 1.30
CA ALA A 773 1.05 24.12 0.75
C ALA A 773 0.18 23.76 1.94
N PRO A 774 -1.10 24.02 1.81
CA PRO A 774 -2.05 23.73 2.90
C PRO A 774 -2.19 22.22 3.11
N GLU A 775 -2.61 21.91 4.33
CA GLU A 775 -2.93 20.55 4.67
C GLU A 775 -4.44 20.51 4.68
N ILE A 776 -5.02 19.46 4.12
CA ILE A 776 -6.47 19.36 4.14
C ILE A 776 -6.78 18.15 4.99
N ARG A 777 -7.74 18.28 5.90
CA ARG A 777 -8.18 17.12 6.69
C ARG A 777 -9.71 17.06 6.55
N ASN A 778 -10.21 15.85 6.29
CA ASN A 778 -11.64 15.62 6.21
C ASN A 778 -12.01 14.60 7.28
N LEU A 779 -12.90 14.98 8.18
CA LEU A 779 -13.36 14.02 9.18
C LEU A 779 -14.61 13.50 8.51
N VAL A 780 -14.50 12.29 7.95
CA VAL A 780 -15.57 11.71 7.17
C VAL A 780 -16.45 10.69 7.94
N ASP A 781 -17.73 11.02 8.04
CA ASP A 781 -18.70 10.16 8.73
C ASP A 781 -19.87 10.08 7.82
N ILE A 782 -19.85 9.06 6.96
CA ILE A 782 -20.90 8.85 5.97
C ILE A 782 -22.18 8.37 6.68
N GLY A 783 -22.07 8.16 7.98
CA GLY A 783 -23.23 7.82 8.80
C GLY A 783 -24.15 6.77 8.22
N SER A 784 -25.42 7.09 8.08
CA SER A 784 -26.26 6.04 7.53
C SER A 784 -26.77 6.33 6.09
N LEU A 785 -26.02 7.13 5.32
CA LEU A 785 -26.41 7.44 3.96
C LEU A 785 -26.17 6.23 3.09
N ASP A 786 -27.18 5.41 2.93
CA ASP A 786 -26.98 4.23 2.11
C ASP A 786 -26.77 4.48 0.61
N ASN A 787 -26.06 3.56 -0.01
CA ASN A 787 -25.77 3.60 -1.46
C ASN A 787 -25.29 4.93 -1.86
N THR A 788 -24.33 5.41 -1.11
CA THR A 788 -23.75 6.72 -1.36
C THR A 788 -22.23 6.63 -1.34
N GLU A 789 -21.57 7.33 -2.27
CA GLU A 789 -20.09 7.41 -2.22
C GLU A 789 -19.82 8.91 -2.22
N ILE A 790 -19.12 9.37 -1.22
CA ILE A 790 -18.76 10.77 -1.10
C ILE A 790 -17.39 11.01 -1.75
N VAL A 791 -17.36 11.96 -2.69
CA VAL A 791 -16.15 12.29 -3.38
C VAL A 791 -15.78 13.74 -3.13
N MET A 792 -14.49 13.96 -3.03
CA MET A 792 -13.98 15.33 -2.86
C MET A 792 -13.33 15.66 -4.22
N ARG A 793 -13.79 16.70 -4.86
CA ARG A 793 -13.29 17.13 -6.15
C ARG A 793 -12.63 18.50 -6.07
N LEU A 794 -11.63 18.70 -6.89
CA LEU A 794 -10.96 19.98 -7.07
C LEU A 794 -11.26 20.43 -8.51
N GLU A 795 -11.73 21.66 -8.67
CA GLU A 795 -12.04 22.22 -9.97
C GLU A 795 -11.07 23.37 -10.24
N THR A 796 -10.34 23.29 -11.33
CA THR A 796 -9.41 24.34 -11.66
C THR A 796 -9.61 24.59 -13.14
N HIS A 797 -8.86 25.56 -13.65
CA HIS A 797 -8.96 25.86 -15.06
C HIS A 797 -7.66 25.42 -15.75
N ILE A 798 -6.89 24.54 -15.07
CA ILE A 798 -5.66 23.99 -15.64
C ILE A 798 -6.09 23.24 -16.89
N ASP A 799 -5.37 23.46 -17.98
CA ASP A 799 -5.74 22.84 -19.24
C ASP A 799 -5.06 21.48 -19.34
N SER A 800 -5.52 20.53 -18.53
CA SER A 800 -4.92 19.18 -18.50
C SER A 800 -5.50 18.25 -19.56
N GLY A 801 -6.65 18.63 -20.13
CA GLY A 801 -7.25 17.82 -21.18
C GLY A 801 -7.68 16.49 -20.65
N ASP A 802 -7.18 15.39 -21.20
CA ASP A 802 -7.59 14.08 -20.70
C ASP A 802 -6.43 13.37 -19.97
N ILE A 803 -5.41 14.15 -19.59
CA ILE A 803 -4.25 13.57 -18.93
C ILE A 803 -4.21 13.85 -17.45
N PHE A 804 -3.82 12.85 -16.68
CA PHE A 804 -3.60 13.10 -15.23
C PHE A 804 -2.59 12.05 -14.75
N TYR A 805 -2.09 12.21 -13.53
CA TYR A 805 -1.09 11.27 -13.05
C TYR A 805 -1.50 10.78 -11.68
N THR A 806 -1.28 9.50 -11.42
CA THR A 806 -1.59 8.95 -10.13
C THR A 806 -0.35 8.09 -9.73
N ASP A 807 -0.14 7.80 -8.46
CA ASP A 807 1.05 7.00 -8.17
C ASP A 807 0.75 5.51 -8.09
N LEU A 808 1.81 4.72 -8.15
CA LEU A 808 1.65 3.29 -7.98
C LEU A 808 2.44 2.93 -6.71
N ASN A 809 1.70 2.53 -5.66
CA ASN A 809 2.28 2.09 -4.38
C ASN A 809 3.21 3.07 -3.74
N GLY A 810 3.00 4.37 -3.96
CA GLY A 810 3.84 5.38 -3.36
C GLY A 810 5.29 5.27 -3.86
N LEU A 811 5.45 4.62 -4.99
CA LEU A 811 6.76 4.42 -5.57
C LEU A 811 7.05 5.24 -6.82
N GLN A 812 6.03 5.48 -7.66
CA GLN A 812 6.25 6.17 -8.92
C GLN A 812 4.95 6.75 -9.35
N PHE A 813 5.02 7.70 -10.28
CA PHE A 813 3.81 8.28 -10.83
C PHE A 813 3.70 7.89 -12.25
N ILE A 814 2.51 7.49 -12.62
CA ILE A 814 2.32 7.01 -13.95
C ILE A 814 1.28 7.87 -14.62
N LYS A 815 1.50 8.12 -15.90
CA LYS A 815 0.58 8.93 -16.65
C LYS A 815 -0.71 8.15 -16.98
N ARG A 816 -1.83 8.80 -16.72
CA ARG A 816 -3.13 8.24 -16.98
C ARG A 816 -3.76 9.05 -18.08
N ARG A 817 -4.59 8.40 -18.88
CA ARG A 817 -5.29 9.19 -19.88
C ARG A 817 -6.75 8.78 -19.71
N ARG A 818 -7.61 9.76 -19.45
CA ARG A 818 -9.04 9.56 -19.30
C ARG A 818 -9.56 9.10 -20.64
N LEU A 819 -10.28 7.98 -20.68
CA LEU A 819 -10.79 7.44 -21.95
C LEU A 819 -12.33 7.46 -21.96
N ASP A 820 -12.92 8.36 -22.75
CA ASP A 820 -14.37 8.43 -22.81
C ASP A 820 -14.98 7.21 -23.44
N LYS A 821 -14.16 6.39 -24.13
CA LYS A 821 -14.72 5.16 -24.67
C LYS A 821 -14.95 4.16 -23.54
N LEU A 822 -14.45 4.47 -22.32
CA LEU A 822 -14.72 3.56 -21.18
C LEU A 822 -15.66 4.22 -20.20
N PRO A 823 -16.41 3.41 -19.45
CA PRO A 823 -17.33 3.99 -18.48
C PRO A 823 -16.58 4.76 -17.34
N LEU A 824 -17.29 5.65 -16.67
CA LEU A 824 -16.68 6.44 -15.60
C LEU A 824 -15.78 5.62 -14.60
N GLN A 825 -16.31 4.48 -14.13
CA GLN A 825 -15.63 3.69 -13.09
C GLN A 825 -14.29 3.13 -13.58
N ALA A 826 -14.17 3.03 -14.90
CA ALA A 826 -12.92 2.51 -15.49
C ALA A 826 -11.85 3.60 -15.47
N ASN A 827 -12.28 4.88 -15.40
CA ASN A 827 -11.34 5.96 -15.39
C ASN A 827 -10.91 6.28 -13.98
N TYR A 828 -11.44 5.51 -13.02
CA TYR A 828 -10.99 5.62 -11.63
C TYR A 828 -9.75 4.75 -11.47
N TYR A 829 -8.76 5.29 -10.75
CA TYR A 829 -7.49 4.62 -10.47
C TYR A 829 -7.14 4.67 -8.98
N PRO A 830 -6.22 3.78 -8.56
CA PRO A 830 -5.79 3.77 -7.15
C PRO A 830 -5.05 5.11 -6.96
N ILE A 831 -5.29 5.77 -5.84
CA ILE A 831 -4.53 6.99 -5.53
C ILE A 831 -3.88 6.58 -4.17
N PRO A 832 -2.84 5.71 -4.23
CA PRO A 832 -2.22 5.27 -2.95
C PRO A 832 -1.52 6.37 -2.20
N SER A 833 -0.98 7.37 -2.90
CA SER A 833 -0.36 8.45 -2.12
C SER A 833 -0.44 9.83 -2.81
N GLY A 834 -0.76 9.88 -4.09
CA GLY A 834 -0.87 11.20 -4.72
C GLY A 834 -1.35 11.16 -6.17
N MET A 835 -1.77 12.32 -6.65
CA MET A 835 -2.24 12.43 -8.00
C MET A 835 -2.04 13.95 -8.42
N PHE A 836 -1.90 14.19 -9.72
CA PHE A 836 -1.80 15.55 -10.17
C PHE A 836 -2.25 15.72 -11.61
N ILE A 837 -2.53 16.98 -11.94
CA ILE A 837 -2.84 17.43 -13.26
C ILE A 837 -1.96 18.62 -13.55
N GLU A 838 -1.65 18.82 -14.81
CA GLU A 838 -0.83 19.97 -15.16
C GLU A 838 -1.03 20.40 -16.62
N ASP A 839 -0.67 21.65 -16.92
CA ASP A 839 -0.66 22.01 -18.33
C ASP A 839 0.76 22.48 -18.54
N ALA A 840 1.00 23.36 -19.52
CA ALA A 840 2.37 23.78 -19.74
C ALA A 840 2.91 24.59 -18.59
N ASN A 841 2.01 25.31 -17.90
CA ASN A 841 2.48 26.22 -16.87
C ASN A 841 2.18 25.93 -15.43
N THR A 842 1.08 25.25 -15.22
CA THR A 842 0.63 25.05 -13.85
C THR A 842 0.33 23.62 -13.56
N ARG A 843 0.68 23.24 -12.33
CA ARG A 843 0.39 21.91 -11.83
C ARG A 843 -0.35 21.98 -10.49
N LEU A 844 -1.26 21.04 -10.26
CA LEU A 844 -1.95 20.96 -8.98
C LEU A 844 -1.75 19.53 -8.54
N THR A 845 -1.13 19.36 -7.37
CA THR A 845 -0.86 18.02 -6.84
C THR A 845 -1.59 17.82 -5.50
N LEU A 846 -2.29 16.68 -5.40
CA LEU A 846 -2.98 16.37 -4.18
C LEU A 846 -2.25 15.15 -3.59
N LEU A 847 -1.63 15.30 -2.42
CA LEU A 847 -0.91 14.16 -1.78
C LEU A 847 -1.85 13.60 -0.69
N THR A 848 -1.82 12.29 -0.42
CA THR A 848 -2.73 11.70 0.53
C THR A 848 -2.01 10.94 1.63
N GLY A 849 -2.66 10.90 2.81
CA GLY A 849 -2.09 10.15 3.92
C GLY A 849 -2.77 8.79 3.95
N GLN A 850 -3.48 8.45 2.88
CA GLN A 850 -4.17 7.15 2.86
C GLN A 850 -4.53 6.79 1.41
N PRO A 851 -4.60 5.49 1.08
CA PRO A 851 -4.95 5.18 -0.32
C PRO A 851 -6.44 5.28 -0.47
N LEU A 852 -6.86 5.90 -1.58
CA LEU A 852 -8.25 6.10 -1.91
C LEU A 852 -8.36 6.03 -3.44
N GLY A 853 -9.58 5.94 -4.00
CA GLY A 853 -9.68 5.85 -5.44
C GLY A 853 -9.94 7.25 -5.98
N GLY A 854 -9.55 7.50 -7.22
CA GLY A 854 -9.80 8.84 -7.72
C GLY A 854 -9.62 8.95 -9.19
N SER A 855 -9.71 10.19 -9.71
CA SER A 855 -9.60 10.33 -11.16
C SER A 855 -9.58 11.81 -11.51
N SER A 856 -9.55 12.07 -12.82
CA SER A 856 -9.68 13.42 -13.34
C SER A 856 -10.73 13.17 -14.46
N LEU A 857 -12.02 13.41 -14.15
CA LEU A 857 -13.07 13.13 -15.13
C LEU A 857 -13.30 14.25 -16.13
N ALA A 858 -12.59 15.36 -15.97
CA ALA A 858 -12.71 16.46 -16.91
C ALA A 858 -11.45 17.28 -16.74
N SER A 859 -11.06 17.92 -17.85
CA SER A 859 -9.89 18.74 -17.92
C SER A 859 -9.99 19.70 -16.73
N GLY A 860 -8.86 19.94 -16.07
CA GLY A 860 -8.76 20.81 -14.91
C GLY A 860 -9.26 20.27 -13.57
N GLU A 861 -9.75 19.04 -13.57
CA GLU A 861 -10.25 18.47 -12.31
C GLU A 861 -9.44 17.35 -11.69
N LEU A 862 -9.61 17.16 -10.38
CA LEU A 862 -9.00 16.01 -9.67
C LEU A 862 -10.13 15.61 -8.73
N GLU A 863 -10.32 14.33 -8.49
CA GLU A 863 -11.31 13.96 -7.48
C GLU A 863 -10.82 12.68 -6.81
N ILE A 864 -11.22 12.49 -5.57
CA ILE A 864 -10.79 11.34 -4.82
C ILE A 864 -11.91 11.00 -3.87
N MET A 865 -12.28 9.72 -3.87
CA MET A 865 -13.41 9.24 -3.07
C MET A 865 -13.05 9.22 -1.56
N GLN A 866 -13.96 9.66 -0.70
CA GLN A 866 -13.71 9.72 0.72
C GLN A 866 -14.20 8.46 1.45
N ASP A 867 -15.43 8.04 1.15
CA ASP A 867 -15.96 6.83 1.74
C ASP A 867 -17.14 6.42 0.89
N ARG A 868 -17.53 5.15 1.06
CA ARG A 868 -18.64 4.65 0.27
C ARG A 868 -19.40 3.68 1.18
N ARG A 869 -20.72 3.72 1.08
CA ARG A 869 -21.57 2.85 1.93
C ARG A 869 -22.58 2.23 0.96
N LEU A 870 -22.50 0.92 0.82
CA LEU A 870 -23.28 0.17 -0.14
C LEU A 870 -24.11 -0.91 0.50
N ALA A 871 -25.41 -0.90 0.20
CA ALA A 871 -26.28 -1.87 0.82
C ALA A 871 -26.21 -3.22 0.13
N SER A 872 -25.71 -3.29 -1.08
CA SER A 872 -25.71 -4.60 -1.77
C SER A 872 -24.39 -5.31 -1.93
N ASP A 873 -24.47 -6.62 -2.05
CA ASP A 873 -23.31 -7.43 -2.33
C ASP A 873 -23.04 -7.26 -3.84
N ASP A 874 -21.80 -7.35 -4.29
CA ASP A 874 -21.55 -7.17 -5.73
C ASP A 874 -21.06 -8.47 -6.44
N GLU A 875 -21.50 -9.60 -5.93
CA GLU A 875 -21.26 -10.88 -6.60
C GLU A 875 -19.84 -11.33 -6.78
N ARG A 876 -18.94 -10.88 -5.92
CA ARG A 876 -17.56 -11.37 -6.04
C ARG A 876 -17.25 -12.26 -4.86
N GLY A 877 -18.32 -12.78 -4.24
CA GLY A 877 -18.14 -13.71 -3.13
C GLY A 877 -18.14 -13.21 -1.68
N LEU A 878 -18.12 -11.90 -1.48
CA LEU A 878 -18.08 -11.34 -0.13
C LEU A 878 -19.39 -11.59 0.64
N GLY A 879 -20.50 -11.60 -0.07
CA GLY A 879 -21.78 -11.90 0.56
C GLY A 879 -22.35 -10.83 1.48
N GLN A 880 -21.95 -9.56 1.24
CA GLN A 880 -22.48 -8.46 2.04
C GLN A 880 -22.15 -7.15 1.34
N GLY A 881 -22.80 -6.07 1.73
CA GLY A 881 -22.49 -4.77 1.17
C GLY A 881 -21.46 -4.19 2.14
N VAL A 882 -21.33 -2.87 2.16
CA VAL A 882 -20.38 -2.20 3.04
C VAL A 882 -21.24 -1.26 3.86
N LEU A 883 -21.57 -1.69 5.06
CA LEU A 883 -22.43 -0.90 5.93
C LEU A 883 -21.80 -0.73 7.33
N ASP A 884 -20.48 -0.92 7.43
CA ASP A 884 -19.73 -0.80 8.69
C ASP A 884 -18.78 0.40 8.75
N ASN A 885 -19.14 1.46 8.02
CA ASN A 885 -18.36 2.65 7.96
C ASN A 885 -18.24 3.22 9.35
N LYS A 886 -17.13 3.94 9.55
CA LYS A 886 -16.97 4.61 10.80
C LYS A 886 -16.19 5.88 10.49
N PRO A 887 -16.27 6.86 11.39
CA PRO A 887 -15.58 8.14 11.18
C PRO A 887 -14.08 7.94 10.88
N VAL A 888 -13.59 8.64 9.87
CA VAL A 888 -12.20 8.53 9.54
C VAL A 888 -11.74 9.92 9.22
N LEU A 889 -10.49 10.19 9.61
CA LEU A 889 -9.81 11.46 9.37
C LEU A 889 -8.83 11.30 8.20
N HIS A 890 -9.26 11.70 7.01
CA HIS A 890 -8.38 11.64 5.85
C HIS A 890 -7.53 12.91 5.82
N ILE A 891 -6.25 12.77 5.47
CA ILE A 891 -5.38 13.95 5.43
C ILE A 891 -4.73 14.08 4.05
N TYR A 892 -4.42 15.31 3.68
CA TYR A 892 -3.82 15.59 2.42
C TYR A 892 -2.98 16.84 2.47
N ARG A 893 -2.20 17.00 1.40
CA ARG A 893 -1.50 18.26 1.20
C ARG A 893 -1.89 18.64 -0.25
N LEU A 894 -2.17 19.92 -0.49
CA LEU A 894 -2.62 20.42 -1.77
C LEU A 894 -1.52 21.39 -2.29
N VAL A 895 -0.89 21.03 -3.39
CA VAL A 895 0.22 21.81 -3.86
C VAL A 895 -0.04 22.40 -5.24
N LEU A 896 -0.19 23.71 -5.32
CA LEU A 896 -0.40 24.38 -6.59
C LEU A 896 0.99 24.93 -6.90
N GLU A 897 1.53 24.65 -8.11
CA GLU A 897 2.89 25.14 -8.44
C GLU A 897 3.00 25.58 -9.86
N LYS A 898 3.93 26.48 -10.17
CA LYS A 898 4.19 26.82 -11.57
C LYS A 898 5.19 25.73 -12.01
N VAL A 899 5.01 25.12 -13.20
CA VAL A 899 5.96 24.09 -13.63
C VAL A 899 6.57 24.44 -15.02
N ASN A 900 6.35 25.67 -15.48
CA ASN A 900 6.83 26.05 -16.81
C ASN A 900 8.36 25.97 -16.90
N ASN A 901 9.05 26.09 -15.77
CA ASN A 901 10.49 26.00 -15.83
C ASN A 901 11.02 24.62 -15.52
N CYS A 902 10.15 23.67 -15.22
CA CYS A 902 10.61 22.34 -14.89
C CYS A 902 11.01 21.52 -16.10
N VAL A 903 12.11 20.78 -15.98
CA VAL A 903 12.50 19.88 -17.05
C VAL A 903 11.61 18.64 -16.89
N ARG A 904 10.64 18.53 -17.76
CA ARG A 904 9.69 17.40 -17.73
C ARG A 904 9.89 16.35 -18.78
N PRO A 905 9.32 15.15 -18.56
CA PRO A 905 9.51 14.16 -19.60
C PRO A 905 8.77 14.64 -20.86
N SER A 906 9.13 14.07 -22.02
CA SER A 906 8.47 14.44 -23.26
C SER A 906 7.04 13.91 -23.21
N LYS A 907 6.25 14.36 -24.16
CA LYS A 907 4.86 13.96 -24.26
C LYS A 907 4.68 12.49 -24.39
N LEU A 908 5.66 11.77 -24.92
CA LEU A 908 5.44 10.34 -25.10
C LEU A 908 5.90 9.52 -23.91
N HIS A 909 6.51 10.17 -22.92
CA HIS A 909 6.99 9.43 -21.76
C HIS A 909 5.79 8.99 -20.88
N PRO A 910 5.74 7.72 -20.47
CA PRO A 910 4.62 7.26 -19.63
C PRO A 910 4.67 7.60 -18.12
N ALA A 911 5.76 8.22 -17.66
CA ALA A 911 5.84 8.58 -16.26
C ALA A 911 5.74 10.08 -16.04
N GLY A 912 5.58 10.43 -14.75
CA GLY A 912 5.57 11.80 -14.34
C GLY A 912 6.39 11.81 -13.06
N TYR A 913 6.80 13.00 -12.62
CA TYR A 913 7.62 13.14 -11.42
C TYR A 913 7.21 14.35 -10.58
N LEU A 914 7.31 14.18 -9.27
CA LEU A 914 7.02 15.24 -8.33
C LEU A 914 8.11 16.30 -8.31
N THR A 915 7.72 17.45 -7.76
CA THR A 915 8.63 18.53 -7.50
C THR A 915 9.09 18.28 -6.08
N SER A 916 10.11 19.02 -5.69
N SER A 916 10.10 19.01 -5.66
CA SER A 916 10.65 18.96 -4.34
CA SER A 916 10.60 18.89 -4.30
C SER A 916 9.56 19.24 -3.32
C SER A 916 9.50 19.20 -3.30
N ALA A 917 8.76 20.27 -3.55
CA ALA A 917 7.71 20.63 -2.59
C ALA A 917 6.65 19.55 -2.48
N ALA A 918 6.23 18.96 -3.60
CA ALA A 918 5.18 17.94 -3.53
C ALA A 918 5.72 16.71 -2.84
N HIS A 919 6.99 16.39 -3.13
CA HIS A 919 7.57 15.23 -2.49
C HIS A 919 7.69 15.48 -1.00
N LYS A 920 8.21 16.64 -0.59
CA LYS A 920 8.27 16.88 0.85
C LYS A 920 6.87 16.86 1.48
N ALA A 921 5.88 17.38 0.76
CA ALA A 921 4.49 17.41 1.28
C ALA A 921 4.04 15.91 1.51
N SER A 922 4.35 15.03 0.56
CA SER A 922 3.97 13.61 0.73
C SER A 922 4.67 13.04 1.99
N GLN A 923 5.96 13.35 2.15
CA GLN A 923 6.68 12.86 3.32
C GLN A 923 6.08 13.39 4.62
N SER A 924 5.52 14.62 4.60
CA SER A 924 4.96 15.17 5.85
C SER A 924 3.68 14.42 6.24
N LEU A 925 3.02 13.80 5.28
CA LEU A 925 1.81 13.04 5.56
C LEU A 925 2.16 11.60 6.00
N LEU A 926 3.05 10.97 5.24
CA LEU A 926 3.39 9.54 5.51
C LEU A 926 4.40 9.33 6.63
N ASP A 927 5.36 10.23 6.78
CA ASP A 927 6.36 10.05 7.83
C ASP A 927 6.61 11.33 8.61
N PRO A 928 5.60 11.78 9.32
CA PRO A 928 5.71 13.00 10.12
C PRO A 928 6.67 12.77 11.25
N LEU A 929 6.98 13.86 11.98
CA LEU A 929 7.78 13.72 13.18
C LEU A 929 6.94 12.87 14.17
N ASP A 930 7.57 12.05 14.99
CA ASP A 930 6.82 11.32 16.02
C ASP A 930 6.97 12.17 17.28
N LYS A 931 5.96 12.18 18.14
CA LYS A 931 6.02 13.02 19.32
C LYS A 931 5.87 12.20 20.57
N PHE A 932 6.71 12.47 21.55
CA PHE A 932 6.66 11.69 22.80
C PHE A 932 6.54 12.62 24.00
N ILE A 933 5.65 12.30 24.94
CA ILE A 933 5.49 13.12 26.15
C ILE A 933 6.09 12.32 27.32
N PHE A 934 7.02 12.92 28.08
CA PHE A 934 7.62 12.18 29.17
C PHE A 934 6.49 11.90 30.17
N ALA A 935 6.36 10.64 30.59
CA ALA A 935 5.20 10.34 31.41
C ALA A 935 5.26 10.60 32.93
N GLU A 936 6.45 10.71 33.52
CA GLU A 936 6.55 10.91 34.97
C GLU A 936 6.89 12.38 35.22
N ASN A 937 6.98 12.77 36.47
CA ASN A 937 7.24 14.16 36.72
C ASN A 937 8.58 14.71 36.32
N GLU A 938 9.60 13.88 36.52
CA GLU A 938 10.98 14.30 36.24
C GLU A 938 11.80 13.26 35.47
N TRP A 939 12.48 13.73 34.41
CA TRP A 939 13.27 12.84 33.59
C TRP A 939 14.73 13.06 33.99
N ILE A 940 15.25 12.23 34.87
CA ILE A 940 16.64 12.41 35.33
C ILE A 940 17.62 11.98 34.25
N GLY A 941 18.61 12.81 33.95
CA GLY A 941 19.61 12.47 32.95
C GLY A 941 19.21 12.73 31.50
N ALA A 942 18.10 13.48 31.33
CA ALA A 942 17.58 13.81 30.00
C ALA A 942 18.62 14.55 29.17
N GLN A 943 18.68 14.28 27.88
CA GLN A 943 19.62 14.94 26.98
C GLN A 943 18.79 15.63 25.91
N GLY A 944 19.38 16.63 25.30
CA GLY A 944 18.64 17.43 24.37
C GLY A 944 18.49 16.98 22.95
N GLN A 945 19.34 16.05 22.51
CA GLN A 945 19.27 15.72 21.10
C GLN A 945 20.05 14.46 20.84
N PHE A 946 19.67 13.76 19.78
CA PHE A 946 20.36 12.58 19.36
C PHE A 946 20.41 12.65 17.84
N GLY A 947 21.58 12.34 17.29
CA GLY A 947 21.75 12.30 15.86
C GLY A 947 22.20 13.59 15.20
N GLY A 948 22.63 14.58 15.98
CA GLY A 948 23.07 15.84 15.42
C GLY A 948 24.24 15.58 14.49
N ASP A 949 24.95 14.47 14.64
CA ASP A 949 26.02 14.19 13.72
C ASP A 949 25.60 13.26 12.56
N HIS A 950 24.31 12.87 12.47
CA HIS A 950 23.92 12.02 11.34
C HIS A 950 23.96 12.88 10.08
N PRO A 951 24.40 12.33 8.95
CA PRO A 951 24.49 13.04 7.66
C PRO A 951 23.09 13.42 7.24
N SER A 952 22.93 14.61 6.69
CA SER A 952 21.64 15.11 6.24
C SER A 952 21.73 14.92 4.73
N ALA A 953 21.08 13.85 4.26
CA ALA A 953 21.21 13.47 2.87
C ALA A 953 20.37 14.28 1.92
N ARG A 954 20.73 14.19 0.64
CA ARG A 954 20.02 14.91 -0.36
C ARG A 954 18.52 14.58 -0.26
N GLU A 955 17.69 15.60 -0.56
CA GLU A 955 16.27 15.45 -0.33
C GLU A 955 15.55 14.34 -1.05
N ASP A 956 16.09 13.83 -2.17
CA ASP A 956 15.36 12.77 -2.87
C ASP A 956 15.70 11.39 -2.31
N LEU A 957 16.64 11.33 -1.38
CA LEU A 957 17.04 10.08 -0.80
C LEU A 957 16.34 9.80 0.52
N ASP A 958 15.95 8.55 0.69
CA ASP A 958 15.35 8.15 1.94
C ASP A 958 15.96 6.83 2.45
N VAL A 959 16.04 6.69 3.76
CA VAL A 959 16.41 5.43 4.40
C VAL A 959 15.01 4.82 4.70
N SER A 960 14.48 4.10 3.72
CA SER A 960 13.16 3.51 3.86
C SER A 960 13.04 2.56 5.04
N VAL A 961 14.11 1.83 5.27
CA VAL A 961 14.13 0.82 6.34
C VAL A 961 15.51 0.82 7.00
N MET A 962 15.47 0.78 8.33
CA MET A 962 16.69 0.61 9.12
C MET A 962 16.24 -0.47 10.09
N ARG A 963 16.88 -1.64 10.03
CA ARG A 963 16.47 -2.73 10.87
C ARG A 963 17.69 -3.55 11.34
N ARG A 964 17.84 -3.69 12.64
CA ARG A 964 18.94 -4.50 13.16
C ARG A 964 18.50 -5.93 12.90
N LEU A 965 19.36 -6.71 12.27
CA LEU A 965 19.03 -8.08 11.85
C LEU A 965 19.50 -9.17 12.83
N THR A 966 20.30 -8.81 13.85
CA THR A 966 20.78 -9.80 14.81
C THR A 966 20.32 -9.50 16.24
N LYS A 967 20.15 -10.55 17.02
CA LYS A 967 19.82 -10.43 18.40
C LYS A 967 21.13 -10.14 19.14
N SER A 968 21.02 -9.78 20.40
CA SER A 968 22.18 -9.32 21.15
C SER A 968 23.24 -10.40 21.38
N SER A 969 22.86 -11.67 21.32
CA SER A 969 23.89 -12.67 21.57
C SER A 969 24.79 -12.94 20.38
N ALA A 970 24.53 -12.30 19.24
CA ALA A 970 25.38 -12.47 18.06
C ALA A 970 26.69 -11.69 18.13
N LYS A 971 27.81 -12.39 18.04
CA LYS A 971 29.11 -11.75 18.09
CA LYS A 971 29.10 -11.72 18.08
C LYS A 971 29.23 -10.66 17.03
C LYS A 971 29.20 -10.63 17.03
N THR A 972 28.78 -10.94 15.81
CA THR A 972 28.86 -9.96 14.77
C THR A 972 27.44 -9.43 14.58
N GLN A 973 27.27 -8.17 14.96
CA GLN A 973 25.98 -7.51 14.82
C GLN A 973 25.79 -7.07 13.37
N ARG A 974 24.55 -7.20 12.87
CA ARG A 974 24.24 -6.78 11.54
C ARG A 974 23.05 -5.86 11.49
N VAL A 975 23.17 -4.80 10.72
CA VAL A 975 22.05 -3.85 10.58
C VAL A 975 21.80 -3.65 9.08
N GLY A 976 20.53 -3.85 8.72
CA GLY A 976 20.10 -3.70 7.33
C GLY A 976 19.44 -2.34 7.09
N TYR A 977 19.69 -1.82 5.90
CA TYR A 977 19.13 -0.56 5.47
C TYR A 977 18.57 -0.72 4.07
N VAL A 978 17.39 -0.15 3.84
CA VAL A 978 16.85 -0.11 2.47
C VAL A 978 16.94 1.39 2.12
N LEU A 979 17.64 1.70 1.02
CA LEU A 979 17.86 3.09 0.61
CA LEU A 979 17.84 3.08 0.61
C LEU A 979 17.14 3.32 -0.70
C LEU A 979 17.07 3.26 -0.67
N HIS A 980 16.24 4.29 -0.71
CA HIS A 980 15.48 4.53 -1.91
C HIS A 980 15.71 5.96 -2.38
N ARG A 981 15.92 6.19 -3.68
CA ARG A 981 16.02 7.58 -4.13
C ARG A 981 14.90 7.75 -5.13
N THR A 982 14.07 8.76 -4.92
CA THR A 982 12.98 9.05 -5.87
C THR A 982 13.62 9.95 -6.96
N ASN A 983 12.81 10.54 -7.83
CA ASN A 983 13.37 11.43 -8.83
C ASN A 983 12.48 12.67 -8.78
N LEU A 984 13.10 13.81 -8.52
CA LEU A 984 12.35 15.06 -8.41
C LEU A 984 12.65 15.93 -9.57
N MET A 985 11.67 16.67 -10.06
CA MET A 985 11.94 17.56 -11.21
C MET A 985 12.89 18.69 -10.93
N GLN A 986 13.70 19.00 -11.93
CA GLN A 986 14.65 20.10 -11.86
C GLN A 986 13.87 21.27 -12.40
N CYS A 987 13.60 22.24 -11.51
CA CYS A 987 12.80 23.41 -11.86
C CYS A 987 13.54 24.71 -11.65
N GLY A 988 14.87 24.63 -11.55
CA GLY A 988 15.64 25.85 -11.39
C GLY A 988 16.03 26.25 -9.98
N THR A 989 15.66 25.43 -9.00
CA THR A 989 16.08 25.75 -7.63
C THR A 989 17.50 25.23 -7.45
N PRO A 990 18.46 26.10 -7.11
CA PRO A 990 19.83 25.60 -6.93
C PRO A 990 19.83 24.47 -5.88
N GLU A 991 20.64 23.46 -6.14
CA GLU A 991 20.72 22.31 -5.26
C GLU A 991 20.88 22.58 -3.76
N GLU A 992 22.08 23.02 -3.40
CA GLU A 992 22.40 23.28 -2.00
C GLU A 992 23.01 22.07 -1.31
N HIS A 993 23.72 22.42 -0.25
CA HIS A 993 24.45 21.56 0.69
C HIS A 993 24.53 20.04 0.55
N THR A 994 23.92 19.42 1.57
CA THR A 994 23.83 18.00 1.81
C THR A 994 25.12 17.17 1.79
N GLN A 995 25.11 16.16 2.64
CA GLN A 995 26.23 15.31 2.75
C GLN A 995 25.89 13.96 2.23
N LYS A 996 26.92 13.26 1.80
N LYS A 996 26.94 13.26 1.82
CA LYS A 996 26.73 11.92 1.29
CA LYS A 996 26.79 11.92 1.31
C LYS A 996 26.33 11.06 2.47
C LYS A 996 26.35 11.04 2.47
N LEU A 997 25.36 10.18 2.23
CA LEU A 997 24.90 9.28 3.26
C LEU A 997 25.47 7.91 2.99
N ASP A 998 26.26 7.45 3.92
CA ASP A 998 26.85 6.11 3.84
C ASP A 998 26.22 5.37 5.01
N VAL A 999 25.17 4.62 4.74
CA VAL A 999 24.51 3.94 5.85
C VAL A 999 25.37 2.95 6.59
N CYS A 1000 26.43 2.43 5.93
CA CYS A 1000 27.25 1.42 6.60
C CYS A 1000 28.11 2.03 7.73
N HIS A 1001 28.26 3.35 7.71
CA HIS A 1001 29.02 4.00 8.80
C HIS A 1001 28.12 4.75 9.76
N LEU A 1002 26.81 4.50 9.75
CA LEU A 1002 25.93 5.16 10.68
C LEU A 1002 26.16 4.54 12.06
N LEU A 1003 26.55 3.28 12.13
CA LEU A 1003 26.81 2.67 13.42
C LEU A 1003 28.33 2.45 13.48
N PRO A 1004 28.91 2.52 14.69
CA PRO A 1004 30.36 2.35 14.84
C PRO A 1004 30.87 0.92 14.72
N ASN A 1005 32.18 0.85 14.59
CA ASN A 1005 32.90 -0.39 14.54
C ASN A 1005 32.49 -1.25 13.40
N VAL A 1006 32.36 -0.64 12.22
CA VAL A 1006 31.92 -1.40 11.06
C VAL A 1006 33.08 -2.29 10.56
N ALA A 1007 32.79 -3.55 10.38
CA ALA A 1007 33.76 -4.55 9.96
C ALA A 1007 33.52 -4.90 8.51
N ARG A 1008 32.26 -4.79 8.09
CA ARG A 1008 31.94 -5.17 6.72
C ARG A 1008 30.70 -4.45 6.25
N CYS A 1009 30.67 -4.16 4.96
CA CYS A 1009 29.48 -3.56 4.35
C CYS A 1009 29.17 -4.38 3.10
N GLU A 1010 27.94 -4.87 3.01
CA GLU A 1010 27.49 -5.69 1.88
C GLU A 1010 26.21 -5.14 1.23
N ARG A 1011 26.20 -5.07 -0.09
CA ARG A 1011 24.96 -4.75 -0.78
C ARG A 1011 24.20 -6.11 -0.84
N THR A 1012 22.90 -6.08 -0.58
CA THR A 1012 22.11 -7.30 -0.56
C THR A 1012 20.79 -7.15 -1.33
N THR A 1013 20.08 -8.25 -1.50
CA THR A 1013 18.75 -8.17 -2.07
C THR A 1013 17.96 -7.31 -1.03
N LEU A 1014 16.80 -6.78 -1.44
CA LEU A 1014 16.00 -5.93 -0.56
C LEU A 1014 15.48 -6.57 0.68
N THR A 1015 15.44 -7.90 0.70
CA THR A 1015 14.96 -8.67 1.84
C THR A 1015 16.07 -8.99 2.79
N PHE A 1016 17.27 -8.53 2.43
CA PHE A 1016 18.54 -8.76 3.16
C PHE A 1016 19.00 -10.22 3.17
N LEU A 1017 18.35 -11.09 2.39
CA LEU A 1017 18.66 -12.50 2.42
C LEU A 1017 19.82 -12.99 1.61
N GLN A 1018 20.30 -12.21 0.65
CA GLN A 1018 21.41 -12.69 -0.13
C GLN A 1018 22.42 -11.55 -0.31
N ASN A 1019 23.69 -11.84 -0.04
CA ASN A 1019 24.74 -10.85 -0.25
C ASN A 1019 25.03 -10.76 -1.76
N LEU A 1020 25.04 -9.57 -2.33
CA LEU A 1020 25.27 -9.43 -3.75
C LEU A 1020 26.62 -8.75 -3.99
N GLU A 1021 27.13 -8.00 -3.03
CA GLU A 1021 28.38 -7.31 -3.28
C GLU A 1021 29.11 -6.91 -2.01
N HIS A 1022 30.41 -7.20 -1.95
CA HIS A 1022 31.26 -6.86 -0.81
C HIS A 1022 31.71 -5.43 -1.12
N LEU A 1023 31.44 -4.49 -0.22
CA LEU A 1023 31.75 -3.12 -0.57
C LEU A 1023 33.07 -2.60 -0.08
N ASP A 1024 33.83 -2.08 -1.02
CA ASP A 1024 35.14 -1.52 -0.72
C ASP A 1024 35.07 -0.41 0.32
N GLY A 1025 36.00 -0.46 1.26
CA GLY A 1025 36.08 0.56 2.30
C GLY A 1025 34.88 0.55 3.23
N MET A 1026 34.06 -0.50 3.10
N MET A 1026 34.07 -0.50 3.16
CA MET A 1026 32.87 -0.65 3.92
CA MET A 1026 32.86 -0.61 3.97
C MET A 1026 31.97 0.57 3.71
C MET A 1026 31.97 0.59 3.72
N VAL A 1027 31.95 1.07 2.48
CA VAL A 1027 31.13 2.22 2.17
C VAL A 1027 29.95 1.84 1.34
N ALA A 1028 28.78 2.27 1.79
CA ALA A 1028 27.56 1.98 1.03
C ALA A 1028 27.28 3.18 0.15
N PRO A 1029 27.43 3.03 -1.16
CA PRO A 1029 27.20 4.10 -2.14
C PRO A 1029 25.69 4.49 -2.13
N GLU A 1030 25.37 5.71 -2.52
CA GLU A 1030 23.96 6.09 -2.58
C GLU A 1030 23.45 5.50 -3.89
N VAL A 1031 22.15 5.46 -4.06
CA VAL A 1031 21.60 4.88 -5.25
C VAL A 1031 21.16 5.94 -6.24
N CYS A 1032 20.80 5.51 -7.43
CA CYS A 1032 20.39 6.38 -8.49
C CYS A 1032 18.95 6.74 -8.37
N PRO A 1033 18.52 7.81 -9.06
CA PRO A 1033 17.13 8.22 -9.04
C PRO A 1033 16.25 7.02 -9.47
N MET A 1034 15.21 6.78 -8.68
CA MET A 1034 14.19 5.76 -8.85
C MET A 1034 14.73 4.38 -8.52
N GLU A 1035 15.93 4.31 -8.00
CA GLU A 1035 16.52 3.03 -7.67
C GLU A 1035 16.36 2.77 -6.19
N THR A 1036 16.50 1.50 -5.80
CA THR A 1036 16.38 1.12 -4.39
C THR A 1036 17.44 0.07 -4.14
N ALA A 1037 18.21 0.23 -3.07
CA ALA A 1037 19.22 -0.76 -2.78
C ALA A 1037 19.11 -1.11 -1.29
N ALA A 1038 19.64 -2.28 -0.94
CA ALA A 1038 19.64 -2.68 0.46
C ALA A 1038 21.12 -2.94 0.82
N TYR A 1039 21.48 -2.50 2.01
CA TYR A 1039 22.82 -2.72 2.51
C TYR A 1039 22.74 -3.26 3.90
N VAL A 1040 23.74 -4.08 4.25
CA VAL A 1040 23.83 -4.64 5.58
C VAL A 1040 25.23 -4.33 6.12
N SER A 1041 25.31 -3.65 7.27
CA SER A 1041 26.63 -3.37 7.87
C SER A 1041 26.80 -4.37 9.04
N SER A 1042 27.99 -4.93 9.15
CA SER A 1042 28.32 -5.91 10.22
C SER A 1042 29.26 -5.14 11.15
N HIS A 1043 29.08 -5.34 12.45
CA HIS A 1043 29.85 -4.61 13.44
C HIS A 1043 30.44 -5.55 14.42
N SER A 1044 31.70 -5.30 14.74
CA SER A 1044 32.37 -6.21 15.65
C SER A 1044 32.02 -5.94 17.09
C1 NAG B . 20.17 -25.61 2.09
C2 NAG B . 21.32 -26.50 2.60
C3 NAG B . 22.66 -26.19 1.90
C4 NAG B . 22.40 -25.94 0.43
C5 NAG B . 21.45 -24.73 0.26
C6 NAG B . 20.43 -25.08 -0.81
C7 NAG B . 20.67 -26.98 4.85
C8 NAG B . 20.22 -28.39 4.43
N2 NAG B . 21.47 -26.32 4.03
O3 NAG B . 23.54 -27.29 2.03
O4 NAG B . 23.64 -25.71 -0.24
O5 NAG B . 20.70 -24.44 1.50
O6 NAG B . 20.32 -26.50 -0.94
O7 NAG B . 20.28 -26.50 5.91
ZN ZN C . -7.72 -14.23 -2.67
C1 GHA D . -11.15 -12.11 -3.21
O1 GHA D . -11.79 -10.99 -2.63
C2 GHA D . -10.65 -13.16 -2.21
O2 GHA D . -9.32 -13.16 -1.77
C3 GHA D . -11.06 -14.48 -2.86
N4 GHA D . -11.55 -14.27 -4.24
C5 GHA D . -12.15 -12.96 -4.02
C6 GHA D . -12.72 -12.29 -5.29
O6 GHA D . -13.85 -12.60 -6.04
C7 GHA D . -12.41 -15.34 -4.80
C8 GHA D . -12.29 -15.65 -6.28
O8 GHA D . -11.20 -15.65 -7.15
C9 GHA D . -13.67 -16.00 -6.82
C10 GHA D . -13.48 -16.82 -8.06
O10 GHA D . -13.44 -15.72 -8.97
O9 GHA D . -15.01 -15.78 -6.37
S9 GHA D . -16.02 -16.58 -5.66
O11 GHA D . -15.55 -16.79 -4.29
O12 GHA D . -16.15 -17.85 -6.37
O13 GHA D . -17.17 -15.73 -5.72
C1 MRD E . -18.78 -14.27 -19.60
C2 MRD E . -18.00 -14.83 -18.47
O2 MRD E . -16.64 -14.29 -18.61
CM MRD E . -18.52 -14.35 -17.12
C3 MRD E . -17.98 -16.39 -18.58
C4 MRD E . -17.10 -17.21 -17.65
O4 MRD E . -16.73 -18.42 -18.28
C5 MRD E . -17.87 -17.60 -16.37
#